data_6VK0
#
_entry.id   6VK0
#
_cell.length_a   1.00
_cell.length_b   1.00
_cell.length_c   1.00
_cell.angle_alpha   90.00
_cell.angle_beta   90.00
_cell.angle_gamma   90.00
#
_symmetry.space_group_name_H-M   'P 1'
#
loop_
_entity.id
_entity.type
_entity.pdbx_description
1 polymer 'U1 SNP1-associating protein 1'
2 polymer 'Degradation in the endoplasmic reticulum protein 1'
3 polymer 'ERAD-associated E3 ubiquitin-protein ligase component HRD3'
4 polymer 'ERAD-associated E3 ubiquitin-protein ligase HRD1'
#
loop_
_entity_poly.entity_id
_entity_poly.type
_entity_poly.pdbx_seq_one_letter_code
_entity_poly.pdbx_strand_id
1 'polypeptide(L)'
;VRAADNTSSANDNNTVENDESAWNRRVVRPLRNSFPLLLVLIRTFYLIGYNSLVPFFIILEFGSFLPWKYIILLSLLFIF
RTVWNTQEVWNLWRDYLHLNEIDEVKFSQIKEFINSNSLTLNFYKKCKDTQSAIDLLMIPNLHEQRLSVYSKYDIEYDTN
TPDVGQLNLLFIKVLSGEIPKDALDELFKEFFELYETTRNMNTLYPQDSLNELLLMIWKESQKKDINTLPKYRRWFQTLC
SQIAEHNVLDVVLRYIIPDPVNDRVITAVIKNFVLFWVTLLPYVKEKLDDIVAQRARDREQPAPSAQQQENEDEALIIPD
EEEPTATGAQPHLYIPDED
;
D
2 'polypeptide(L)'
;MDAVILNLLGDIPLVTRLWTIGCLVLSGLTSLRIVDPGKVVYSYDLVFKKGQYGRLLYSIFDYGAFNWISMINIFVSANH
LSTLENSFNLRRKFCWIIFLLLVILVKMTSIEQPAASLGVLLHENLVYYELKKNGNQMNVRFFGAIDVSPSIFPIYMNAV
MYFVYKRSWLEIAMNFMPGHVIYYMDDIIGKIYGIDLCKSPYDWFRNTETP
;
C
3 'polypeptide(L)'
;MITLLLYLCVICNAIVLIRADSIADPWPEARHLLNTIAKSRDPMKEAAMEPNADEFVGFYVPMDYSPRNEEKNYQSIWQN
EITDSQRHIYELLVQSSEQFNNSEATYTLSQIHLWSQYNFPHNMTLAHKYLEKFNDLTHFTNHSAIFDLAVMYATGGCAS
GNDQTVIPQDSAKALLYYQRAAQLGNLKAKQVLAYKYYSGFNVPRNFHKSLVLYRDIAEQLRKSYSRDEWDIVFPYWESY
NVRISDFESGLLGKGLNSVPSSTVRKRTTRPDIGSPFIAQVNGVQMTLQIEPMGRFAFNGNDGNINGDEDDEDASERRII
RIYYAALNDYKGTYSQSRNCERAKNLLELTYKEFQPHVDNLDPLQVFYYVRCLQLLGHMYFTGEGSSKPNIHMAEEILTT
SLEISRRAQGPIGRACIDLGLINQYITNNISQAISYYMKAMKTQANNGIVEFQLSKLATSFPEEKIGDPFNLMETAYLNG
FIPAIYEFAVMIESGMNSKSSVENTAYLFKTFVDKNEAIMAPKLRTAFAALINDRSEVALWAYSQLAEQGYETAQVSAAY
LMYQLPYEFEDPPRTTDQRKTLAISYYTRAFKQGNIDAGVVAGDIYFQMQNYSKAMALYQGAALKYSIQAIWNLGYMHEH
GLGVNRDFHLAKRYYDQVSEHDHRFYLASKLSVLKLHLKSWLTWITREKVNYWKPSSPLNPNEDTQHSKTSWYKQLTKIL
QRMRHKEDSDKAAEDSHKHRTVVQNGANHRGDDQEEASEILGFQMED
;
A
4 'polypeptide(L)'
;MVPENRRKQLAIFVVVTYLLTFYCVYSATKTSVSFLQVTLKLNEGFNLMVLSIFILLNSTLLWQLLTKLLFGELRLIEHE
HIFERLPFTIINTLFMSSLFHERYFFTVAFFGLLLLYLKVFHWILKDRLEALLQSINDSTTMKTLIFSRFSFNLVLLAVV
DYQIITRCISSIYTNQKSDIESTSLYLIQVMEFTMLLIDLLNLFLQTCLNFWEFYRSQQSLSNENNHIVHGDPTDENTVE
SDQSQPVLNDDDDDDDDDRQFTGLEGKFMYEKAIDVFTRFLKTALHLSMLIPFRMPMMLLKDVVWDILALYQSGTSLWKI
WRNNKQLDDTLVTVTVEQLQNSANDDNICIICMDELIHSPNQQTWKNKNKKPKRLPCGHILHLSCLKNWMERSQTCPICR
LPVFDEKGNVVQTTFTSNSDITTQTTVTDSTGIATDQQGFANEVDLLPTRTTSPDIRIVPTQNIDTLAMRTRSTSTPSPT
;
B
#
# COMPACT_ATOMS: atom_id res chain seq x y z
N SER A 34 -24.02 31.03 9.56
CA SER A 34 -23.95 29.58 9.73
C SER A 34 -23.44 29.21 11.10
N PHE A 35 -22.34 28.49 11.13
CA PHE A 35 -21.65 28.06 12.33
C PHE A 35 -20.20 28.50 12.28
N PRO A 36 -19.47 28.36 13.38
CA PRO A 36 -18.02 28.58 13.34
C PRO A 36 -17.39 27.73 12.25
N LEU A 37 -16.61 28.39 11.38
CA LEU A 37 -16.18 27.79 10.13
C LEU A 37 -15.45 26.47 10.32
N LEU A 38 -14.94 26.18 11.52
CA LEU A 38 -14.16 24.95 11.69
C LEU A 38 -15.08 23.75 11.92
N LEU A 39 -15.90 23.82 12.96
CA LEU A 39 -16.66 22.65 13.39
C LEU A 39 -17.46 22.03 12.28
N VAL A 40 -17.95 22.83 11.34
CA VAL A 40 -18.73 22.28 10.24
C VAL A 40 -17.89 21.32 9.42
N LEU A 41 -16.73 21.78 8.97
CA LEU A 41 -15.81 20.92 8.22
C LEU A 41 -15.35 19.74 9.06
N ILE A 42 -15.12 19.97 10.36
CA ILE A 42 -14.75 18.88 11.26
C ILE A 42 -15.78 17.77 11.17
N ARG A 43 -17.06 18.13 11.25
CA ARG A 43 -18.10 17.14 11.15
C ARG A 43 -18.10 16.48 9.78
N THR A 44 -18.09 17.29 8.71
CA THR A 44 -18.24 16.73 7.37
C THR A 44 -17.08 15.82 7.01
N PHE A 45 -15.98 15.87 7.75
CA PHE A 45 -14.95 14.85 7.55
C PHE A 45 -15.50 13.45 7.79
N TYR A 46 -16.47 13.30 8.69
CA TYR A 46 -16.99 11.97 9.03
C TYR A 46 -17.60 11.24 7.85
N LEU A 47 -17.72 11.88 6.69
CA LEU A 47 -18.41 11.24 5.58
C LEU A 47 -17.43 10.54 4.64
N ILE A 48 -16.50 11.30 4.04
CA ILE A 48 -15.72 10.81 2.91
C ILE A 48 -14.23 10.76 3.21
N GLY A 49 -13.71 11.72 3.98
CA GLY A 49 -12.28 11.82 4.14
C GLY A 49 -11.74 10.96 5.25
N TYR A 50 -10.45 10.62 5.13
CA TYR A 50 -9.75 9.94 6.21
C TYR A 50 -9.86 10.77 7.47
N ASN A 51 -10.24 10.13 8.58
CA ASN A 51 -10.33 10.84 9.84
C ASN A 51 -8.98 11.37 10.32
N SER A 52 -7.89 11.00 9.65
CA SER A 52 -6.56 11.46 10.03
C SER A 52 -6.50 12.98 10.12
N LEU A 53 -7.10 13.66 9.13
CA LEU A 53 -7.07 15.11 9.11
C LEU A 53 -7.85 15.73 10.26
N VAL A 54 -8.75 14.98 10.88
CA VAL A 54 -9.67 15.55 11.87
C VAL A 54 -8.93 16.11 13.09
N PRO A 55 -8.21 15.30 13.86
CA PRO A 55 -7.79 15.77 15.20
C PRO A 55 -6.97 17.03 15.21
N PHE A 56 -6.21 17.33 14.14
CA PHE A 56 -5.40 18.53 14.13
C PHE A 56 -6.24 19.78 14.38
N PHE A 57 -7.45 19.82 13.82
CA PHE A 57 -8.30 20.98 13.99
C PHE A 57 -8.57 21.26 15.45
N ILE A 58 -8.67 20.21 16.27
CA ILE A 58 -8.85 20.42 17.70
C ILE A 58 -7.78 21.36 18.24
N ILE A 59 -6.51 21.10 17.88
CA ILE A 59 -5.47 22.06 18.21
C ILE A 59 -5.86 23.44 17.72
N LEU A 60 -6.05 23.58 16.40
CA LEU A 60 -6.48 24.84 15.80
C LEU A 60 -7.60 25.48 16.61
N GLU A 61 -8.45 24.65 17.20
CA GLU A 61 -9.53 25.18 18.02
C GLU A 61 -9.04 25.58 19.39
N PHE A 62 -8.55 24.62 20.17
CA PHE A 62 -8.19 24.92 21.54
C PHE A 62 -6.91 25.76 21.57
N GLY A 63 -5.92 25.36 20.79
CA GLY A 63 -4.81 26.25 20.55
C GLY A 63 -5.20 27.57 19.95
N SER A 64 -6.42 27.67 19.40
CA SER A 64 -6.98 28.96 18.99
C SER A 64 -6.98 29.98 20.10
N PHE A 65 -6.94 29.55 21.36
CA PHE A 65 -6.75 30.51 22.43
C PHE A 65 -5.35 31.07 22.43
N LEU A 66 -4.45 30.44 21.67
CA LEU A 66 -3.18 30.99 21.21
C LEU A 66 -2.36 31.62 22.33
N PRO A 67 -2.17 30.93 23.46
CA PRO A 67 -1.51 31.58 24.58
C PRO A 67 -0.07 31.83 24.25
N TRP A 68 0.49 32.88 24.85
CA TRP A 68 1.95 32.99 24.81
C TRP A 68 2.57 31.87 25.61
N LYS A 69 1.74 31.08 26.29
CA LYS A 69 2.07 29.75 26.66
C LYS A 69 2.35 28.86 25.42
N TYR A 70 2.15 29.41 24.21
CA TYR A 70 2.67 28.78 23.02
C TYR A 70 4.18 28.46 23.21
N ILE A 71 4.89 29.29 23.97
CA ILE A 71 6.24 28.92 24.35
C ILE A 71 6.25 27.53 24.98
N ILE A 72 5.27 27.24 25.83
CA ILE A 72 5.02 25.87 26.28
C ILE A 72 4.88 24.94 25.08
N LEU A 73 3.97 25.27 24.16
CA LEU A 73 3.91 24.53 22.90
C LEU A 73 5.27 24.57 22.20
N LEU A 74 5.93 25.72 22.20
CA LEU A 74 7.28 25.78 21.67
C LEU A 74 8.19 24.85 22.45
N SER A 75 8.04 24.83 23.78
CA SER A 75 8.65 23.76 24.55
C SER A 75 8.10 22.41 24.13
N LEU A 76 6.77 22.30 24.07
CA LEU A 76 6.13 21.01 23.82
C LEU A 76 6.61 20.40 22.51
N LEU A 77 6.63 21.19 21.44
CA LEU A 77 7.11 20.67 20.17
C LEU A 77 8.59 20.37 20.23
N PHE A 78 9.36 21.18 20.96
CA PHE A 78 10.76 20.85 21.19
C PHE A 78 10.93 19.69 22.15
N ILE A 79 9.84 19.24 22.77
CA ILE A 79 9.84 17.93 23.41
C ILE A 79 9.40 16.86 22.41
N PHE A 80 8.52 17.21 21.48
CA PHE A 80 8.17 16.30 20.39
C PHE A 80 9.41 15.92 19.59
N ARG A 81 10.05 16.91 18.99
CA ARG A 81 11.27 16.71 18.23
C ARG A 81 12.22 15.75 18.95
N THR A 82 12.56 16.06 20.20
CA THR A 82 13.60 15.32 20.90
C THR A 82 13.19 13.93 21.33
N VAL A 83 11.98 13.45 21.02
CA VAL A 83 11.67 12.05 21.34
C VAL A 83 12.61 11.12 20.58
N TRP A 84 13.31 11.63 19.57
CA TRP A 84 14.17 10.82 18.73
C TRP A 84 15.65 10.94 19.07
N ASN A 85 16.16 12.16 19.21
CA ASN A 85 17.60 12.33 19.30
C ASN A 85 18.08 12.46 20.74
N HIS A 246 -23.81 2.05 38.43
CA HIS A 246 -24.60 1.68 39.60
C HIS A 246 -25.95 1.13 39.20
N ASN A 247 -26.37 0.05 39.87
CA ASN A 247 -27.70 -0.49 39.64
C ASN A 247 -28.79 0.47 40.11
N VAL A 248 -28.44 1.41 40.99
CA VAL A 248 -29.41 2.36 41.52
C VAL A 248 -30.10 3.11 40.40
N LEU A 249 -29.43 3.28 39.25
CA LEU A 249 -30.05 4.00 38.15
C LEU A 249 -31.30 3.30 37.67
N ASP A 250 -31.31 1.97 37.67
CA ASP A 250 -32.56 1.26 37.41
C ASP A 250 -33.57 1.53 38.52
N VAL A 251 -33.11 1.51 39.78
CA VAL A 251 -33.94 2.02 40.87
C VAL A 251 -34.33 3.47 40.62
N VAL A 252 -33.47 4.22 39.93
CA VAL A 252 -33.89 5.52 39.40
C VAL A 252 -34.88 5.33 38.25
N LEU A 253 -34.54 4.46 37.30
CA LEU A 253 -35.51 4.04 36.30
C LEU A 253 -36.79 3.51 36.92
N ARG A 254 -36.72 3.06 38.18
CA ARG A 254 -37.88 2.46 38.83
C ARG A 254 -39.03 3.46 38.91
N TYR A 255 -40.25 2.92 38.82
CA TYR A 255 -41.49 3.67 38.96
C TYR A 255 -42.38 2.90 39.91
N ILE A 256 -43.42 3.55 40.39
CA ILE A 256 -44.29 2.94 41.39
C ILE A 256 -45.45 2.25 40.70
N ILE A 257 -45.84 1.10 41.26
CA ILE A 257 -46.88 0.20 40.73
C ILE A 257 -46.56 -0.24 39.31
N PRO A 258 -45.59 -1.13 39.10
CA PRO A 258 -45.55 -1.87 37.82
C PRO A 258 -46.83 -2.69 37.67
N ASP A 259 -47.20 -2.99 36.44
CA ASP A 259 -46.45 -2.75 35.20
C ASP A 259 -46.77 -1.38 34.60
N PRO A 260 -46.11 -1.00 33.49
CA PRO A 260 -46.44 0.30 32.87
C PRO A 260 -47.89 0.46 32.47
N VAL A 261 -48.64 -0.64 32.37
CA VAL A 261 -50.03 -0.59 31.94
C VAL A 261 -50.91 0.21 32.89
N ASN A 262 -50.43 0.47 34.10
CA ASN A 262 -51.25 1.17 35.10
C ASN A 262 -51.61 2.56 34.63
N ASP A 263 -52.64 3.14 35.26
CA ASP A 263 -53.23 4.38 34.77
C ASP A 263 -52.33 5.59 35.01
N ARG A 264 -51.32 5.45 35.88
CA ARG A 264 -50.45 6.58 36.21
C ARG A 264 -49.35 6.78 35.18
N VAL A 265 -49.72 6.93 33.91
CA VAL A 265 -48.74 7.15 32.85
C VAL A 265 -48.02 8.47 33.06
N ILE A 266 -48.70 9.43 33.70
CA ILE A 266 -48.05 10.68 34.04
C ILE A 266 -46.82 10.41 34.90
N THR A 267 -46.93 9.50 35.87
CA THR A 267 -45.77 9.14 36.68
C THR A 267 -44.69 8.51 35.82
N ALA A 268 -45.10 7.72 34.81
CA ALA A 268 -44.13 7.10 33.93
C ALA A 268 -43.32 8.14 33.17
N VAL A 269 -44.01 9.08 32.52
CA VAL A 269 -43.29 10.10 31.78
C VAL A 269 -42.50 10.99 32.73
N ILE A 270 -42.97 11.13 33.97
CA ILE A 270 -42.20 11.86 34.97
C ILE A 270 -40.86 11.19 35.21
N LYS A 271 -40.89 9.91 35.54
CA LYS A 271 -39.66 9.20 35.87
C LYS A 271 -38.74 9.23 34.67
N ASN A 272 -39.28 8.90 33.50
CA ASN A 272 -38.46 8.89 32.29
C ASN A 272 -37.97 10.28 31.95
N PHE A 273 -38.66 11.32 32.42
CA PHE A 273 -38.16 12.68 32.24
C PHE A 273 -36.96 12.94 33.13
N VAL A 274 -37.01 12.44 34.37
CA VAL A 274 -35.85 12.55 35.24
C VAL A 274 -34.66 11.82 34.64
N LEU A 275 -34.92 10.66 34.03
CA LEU A 275 -33.86 9.96 33.31
C LEU A 275 -33.42 10.76 32.09
N PHE A 276 -34.38 11.36 31.41
CA PHE A 276 -34.10 12.18 30.24
C PHE A 276 -33.14 13.30 30.58
N TRP A 277 -33.24 13.83 31.79
CA TRP A 277 -32.26 14.81 32.22
C TRP A 277 -30.87 14.21 32.28
N VAL A 278 -30.75 12.93 32.63
CA VAL A 278 -29.44 12.28 32.63
C VAL A 278 -29.23 11.43 31.39
N THR A 279 -30.26 11.23 30.56
CA THR A 279 -30.07 10.44 29.36
C THR A 279 -29.11 11.10 28.39
N LEU A 280 -28.67 12.32 28.69
CA LEU A 280 -27.68 12.96 27.85
C LEU A 280 -26.37 12.18 27.81
N LEU A 281 -25.92 11.70 28.97
CA LEU A 281 -24.57 11.17 29.06
C LEU A 281 -24.42 9.90 28.22
N PRO A 282 -23.48 9.87 27.27
CA PRO A 282 -23.29 8.66 26.47
C PRO A 282 -22.69 7.51 27.27
N TYR A 283 -21.64 7.80 28.05
CA TYR A 283 -20.91 6.77 28.79
C TYR A 283 -21.86 5.89 29.60
N VAL A 284 -22.92 6.49 30.12
CA VAL A 284 -23.95 5.70 30.78
C VAL A 284 -25.20 5.49 29.92
N LYS A 285 -25.27 6.13 28.74
CA LYS A 285 -26.37 5.80 27.84
C LYS A 285 -26.27 4.34 27.40
N GLU A 286 -25.11 3.94 26.88
CA GLU A 286 -24.93 2.55 26.50
C GLU A 286 -25.05 1.63 27.71
N LYS A 287 -24.71 2.14 28.90
CA LYS A 287 -24.94 1.38 30.12
C LYS A 287 -26.43 1.11 30.32
N LEU A 288 -27.26 2.14 30.13
CA LEU A 288 -28.70 1.94 30.06
C LEU A 288 -29.04 0.87 29.02
N ASP A 289 -28.40 0.95 27.86
CA ASP A 289 -28.53 -0.09 26.85
C ASP A 289 -27.84 -1.37 27.27
N ASP A 290 -26.94 -1.31 28.25
CA ASP A 290 -26.32 -2.52 28.78
C ASP A 290 -27.17 -3.13 29.89
N PRO B 13 -29.31 11.61 -5.40
CA PRO B 13 -30.65 11.71 -4.83
C PRO B 13 -31.38 12.99 -5.24
N LEU B 14 -32.67 12.87 -5.53
CA LEU B 14 -33.39 13.99 -6.12
C LEU B 14 -33.76 15.04 -5.07
N VAL B 15 -34.56 14.66 -4.07
CA VAL B 15 -35.14 15.65 -3.16
C VAL B 15 -34.04 16.43 -2.45
N THR B 16 -32.93 15.75 -2.16
CA THR B 16 -31.74 16.43 -1.66
C THR B 16 -31.37 17.57 -2.59
N ARG B 17 -31.27 17.30 -3.89
CA ARG B 17 -30.84 18.32 -4.84
C ARG B 17 -31.89 19.40 -5.00
N LEU B 18 -33.17 19.06 -4.81
CA LEU B 18 -34.21 20.08 -4.79
C LEU B 18 -33.97 21.08 -3.66
N TRP B 19 -33.82 20.56 -2.44
CA TRP B 19 -33.51 21.41 -1.30
C TRP B 19 -32.26 22.24 -1.58
N THR B 20 -31.26 21.60 -2.19
CA THR B 20 -30.02 22.28 -2.53
C THR B 20 -30.28 23.49 -3.42
N ILE B 21 -30.78 23.25 -4.63
CA ILE B 21 -31.01 24.34 -5.58
C ILE B 21 -31.90 25.40 -4.97
N GLY B 22 -32.83 25.00 -4.11
CA GLY B 22 -33.61 26.00 -3.37
C GLY B 22 -32.71 26.92 -2.58
N CYS B 23 -31.87 26.33 -1.72
CA CYS B 23 -30.94 27.14 -0.93
C CYS B 23 -30.09 28.03 -1.83
N LEU B 24 -29.61 27.47 -2.94
CA LEU B 24 -28.71 28.20 -3.82
C LEU B 24 -29.38 29.43 -4.38
N VAL B 25 -30.50 29.25 -5.08
CA VAL B 25 -31.16 30.39 -5.72
C VAL B 25 -31.63 31.38 -4.67
N LEU B 26 -32.09 30.88 -3.51
CA LEU B 26 -32.54 31.77 -2.44
C LEU B 26 -31.41 32.70 -2.01
N SER B 27 -30.32 32.14 -1.50
CA SER B 27 -29.25 32.97 -0.98
C SER B 27 -28.60 33.80 -2.08
N GLY B 28 -28.57 33.28 -3.31
CA GLY B 28 -28.03 34.05 -4.42
C GLY B 28 -28.83 35.30 -4.67
N LEU B 29 -30.09 35.14 -5.06
CA LEU B 29 -30.95 36.30 -5.26
C LEU B 29 -31.00 37.19 -4.03
N THR B 30 -30.72 36.63 -2.85
CA THR B 30 -30.63 37.46 -1.65
C THR B 30 -29.43 38.38 -1.70
N SER B 31 -28.27 37.85 -2.11
CA SER B 31 -27.08 38.68 -2.20
C SER B 31 -27.15 39.71 -3.33
N LEU B 32 -28.04 39.53 -4.30
CA LEU B 32 -28.14 40.43 -5.43
C LEU B 32 -29.23 41.48 -5.28
N ARG B 33 -29.98 41.45 -4.17
CA ARG B 33 -31.12 42.33 -3.97
C ARG B 33 -32.17 42.19 -5.07
N ILE B 34 -32.16 41.07 -5.79
CA ILE B 34 -33.23 40.80 -6.74
C ILE B 34 -34.55 40.64 -5.99
N VAL B 35 -34.49 40.18 -4.75
CA VAL B 35 -35.65 40.13 -3.87
C VAL B 35 -35.26 40.68 -2.51
N ASP B 36 -36.27 41.08 -1.75
CA ASP B 36 -36.03 41.88 -0.55
C ASP B 36 -35.59 41.02 0.62
N PRO B 37 -34.41 41.26 1.20
CA PRO B 37 -33.99 40.48 2.36
C PRO B 37 -34.82 40.73 3.60
N GLY B 38 -35.69 41.73 3.60
CA GLY B 38 -36.53 41.97 4.76
C GLY B 38 -37.45 40.80 5.09
N LYS B 39 -37.92 40.09 4.07
CA LYS B 39 -38.95 39.08 4.29
C LYS B 39 -38.40 37.82 4.94
N VAL B 40 -37.14 37.49 4.70
CA VAL B 40 -36.61 36.19 5.09
C VAL B 40 -36.46 36.10 6.61
N VAL B 41 -36.01 37.19 7.24
CA VAL B 41 -35.73 37.21 8.67
C VAL B 41 -36.98 36.81 9.45
N TYR B 42 -38.15 36.98 8.83
CA TYR B 42 -39.43 36.75 9.49
C TYR B 42 -39.53 35.37 10.11
N SER B 43 -39.66 35.32 11.42
CA SER B 43 -39.95 34.09 12.14
C SER B 43 -41.41 34.10 12.57
N TYR B 44 -41.81 33.09 13.34
CA TYR B 44 -43.22 32.80 13.53
C TYR B 44 -43.95 33.92 14.28
N ASP B 45 -43.38 34.38 15.40
CA ASP B 45 -44.13 35.24 16.30
C ASP B 45 -44.65 36.49 15.62
N LEU B 46 -43.77 37.22 14.92
CA LEU B 46 -44.22 38.39 14.18
C LEU B 46 -45.31 38.03 13.18
N VAL B 47 -45.18 36.82 12.65
CA VAL B 47 -46.11 36.28 11.68
C VAL B 47 -47.46 35.97 12.31
N PHE B 48 -47.47 35.61 13.60
CA PHE B 48 -48.76 35.31 14.20
C PHE B 48 -49.64 36.55 14.19
N LYS B 49 -49.07 37.69 14.59
CA LYS B 49 -49.81 38.94 14.56
C LYS B 49 -50.09 39.42 13.13
N LYS B 50 -49.07 39.35 12.29
CA LYS B 50 -49.15 39.76 10.89
C LYS B 50 -50.06 38.89 10.03
N GLY B 51 -49.99 37.58 10.25
CA GLY B 51 -50.77 36.63 9.48
C GLY B 51 -50.14 36.37 8.13
N GLN B 52 -48.81 36.25 8.07
CA GLN B 52 -48.20 36.02 6.77
C GLN B 52 -47.45 34.69 6.82
N TYR B 53 -48.08 33.65 6.28
CA TYR B 53 -47.49 32.30 6.35
C TYR B 53 -46.18 32.23 5.57
N GLY B 54 -46.22 32.59 4.29
CA GLY B 54 -45.09 32.39 3.40
C GLY B 54 -43.78 32.98 3.86
N ARG B 55 -43.82 33.95 4.78
CA ARG B 55 -42.60 34.59 5.23
C ARG B 55 -41.78 33.66 6.13
N LEU B 56 -42.28 32.46 6.40
CA LEU B 56 -41.42 31.40 6.93
C LEU B 56 -41.13 30.31 5.91
N LEU B 57 -41.96 30.17 4.87
CA LEU B 57 -41.76 29.10 3.90
C LEU B 57 -40.40 29.21 3.23
N TYR B 58 -40.12 30.37 2.64
CA TYR B 58 -38.78 30.62 2.14
C TYR B 58 -37.72 30.38 3.22
N SER B 59 -38.04 30.74 4.46
CA SER B 59 -37.09 30.60 5.56
C SER B 59 -36.68 29.15 5.77
N ILE B 60 -37.40 28.21 5.16
CA ILE B 60 -37.00 26.81 5.23
C ILE B 60 -35.58 26.57 4.73
N PHE B 61 -35.05 27.48 3.91
CA PHE B 61 -33.82 27.20 3.19
C PHE B 61 -32.73 28.25 3.31
N ASP B 62 -33.00 29.40 3.90
CA ASP B 62 -32.12 30.54 3.69
C ASP B 62 -30.87 30.47 4.54
N TYR B 63 -29.76 30.95 3.97
CA TYR B 63 -28.51 31.16 4.68
C TYR B 63 -27.96 32.57 4.56
N GLY B 64 -28.58 33.43 3.74
CA GLY B 64 -28.16 34.80 3.59
C GLY B 64 -27.19 35.11 2.46
N ALA B 65 -25.93 34.69 2.59
CA ALA B 65 -24.87 35.15 1.70
C ALA B 65 -24.55 34.07 0.67
N PHE B 66 -24.31 34.49 -0.57
CA PHE B 66 -23.89 33.57 -1.63
C PHE B 66 -22.37 33.63 -1.76
N ASN B 67 -21.68 33.09 -0.77
CA ASN B 67 -20.23 33.10 -0.80
C ASN B 67 -19.72 31.74 -0.35
N TRP B 68 -18.40 31.64 -0.24
CA TRP B 68 -17.76 30.33 -0.10
C TRP B 68 -18.09 29.68 1.23
N ILE B 69 -18.10 30.46 2.32
CA ILE B 69 -18.50 29.91 3.61
C ILE B 69 -19.88 29.29 3.49
N SER B 70 -20.82 30.05 2.93
CA SER B 70 -22.16 29.53 2.71
C SER B 70 -22.17 28.41 1.71
N MET B 71 -21.35 28.49 0.66
CA MET B 71 -21.26 27.40 -0.30
C MET B 71 -20.97 26.09 0.41
N ILE B 72 -19.89 26.08 1.20
CA ILE B 72 -19.48 24.87 1.89
C ILE B 72 -20.52 24.47 2.92
N ASN B 73 -21.18 25.45 3.56
CA ASN B 73 -22.24 25.12 4.50
C ASN B 73 -23.37 24.37 3.81
N ILE B 74 -23.79 24.88 2.66
CA ILE B 74 -24.82 24.20 1.88
C ILE B 74 -24.36 22.81 1.52
N PHE B 75 -23.09 22.67 1.14
CA PHE B 75 -22.62 21.35 0.75
C PHE B 75 -22.53 20.41 1.95
N VAL B 76 -22.24 20.93 3.14
CA VAL B 76 -22.30 20.12 4.35
C VAL B 76 -23.71 19.61 4.57
N SER B 77 -24.68 20.52 4.51
CA SER B 77 -26.07 20.11 4.63
C SER B 77 -26.40 19.05 3.59
N ALA B 78 -25.94 19.26 2.36
CA ALA B 78 -26.22 18.30 1.30
C ALA B 78 -25.59 16.95 1.60
N ASN B 79 -24.43 16.96 2.26
CA ASN B 79 -23.79 15.70 2.63
C ASN B 79 -24.60 14.97 3.68
N HIS B 80 -25.08 15.71 4.68
CA HIS B 80 -25.94 15.08 5.69
C HIS B 80 -27.22 14.57 5.07
N LEU B 81 -27.74 15.28 4.07
CA LEU B 81 -28.97 14.83 3.43
C LEU B 81 -28.73 13.59 2.58
N SER B 82 -27.61 13.54 1.87
CA SER B 82 -27.24 12.33 1.14
C SER B 82 -26.97 11.18 2.10
N THR B 83 -26.61 11.49 3.35
CA THR B 83 -26.45 10.45 4.35
C THR B 83 -27.82 9.95 4.84
N LEU B 84 -28.76 10.87 5.00
CA LEU B 84 -29.99 10.60 5.74
C LEU B 84 -31.17 10.23 4.84
N GLU B 85 -31.51 11.10 3.89
CA GLU B 85 -32.74 10.94 3.13
C GLU B 85 -32.81 9.59 2.44
N ASN B 86 -31.78 9.25 1.67
CA ASN B 86 -31.76 7.95 1.01
C ASN B 86 -31.79 6.80 2.01
N SER B 87 -31.45 7.07 3.27
CA SER B 87 -31.56 6.09 4.33
C SER B 87 -32.75 6.35 5.24
N PHE B 88 -33.63 7.28 4.87
CA PHE B 88 -34.81 7.56 5.68
C PHE B 88 -36.00 6.68 5.30
N ASN B 89 -35.98 6.06 4.11
CA ASN B 89 -36.99 5.05 3.80
C ASN B 89 -36.95 3.91 4.82
N LEU B 90 -35.78 3.68 5.44
CA LEU B 90 -35.71 2.72 6.54
C LEU B 90 -36.59 3.14 7.69
N ARG B 91 -36.30 4.30 8.28
CA ARG B 91 -37.03 4.81 9.43
C ARG B 91 -38.14 5.72 8.91
N ARG B 92 -39.34 5.15 8.75
CA ARG B 92 -40.49 5.94 8.34
C ARG B 92 -40.79 7.05 9.35
N LYS B 93 -40.45 6.83 10.62
CA LYS B 93 -40.85 7.74 11.69
C LYS B 93 -40.42 9.16 11.43
N PHE B 94 -39.40 9.39 10.61
CA PHE B 94 -38.96 10.76 10.36
C PHE B 94 -40.07 11.59 9.73
N CYS B 95 -40.85 10.98 8.82
CA CYS B 95 -42.06 11.65 8.33
C CYS B 95 -42.97 11.98 9.50
N TRP B 96 -43.22 11.00 10.37
CA TRP B 96 -43.99 11.22 11.59
C TRP B 96 -43.40 12.32 12.46
N ILE B 97 -42.11 12.61 12.30
CA ILE B 97 -41.39 13.49 13.21
C ILE B 97 -41.27 14.90 12.68
N ILE B 98 -40.90 15.05 11.41
CA ILE B 98 -40.52 16.37 10.90
C ILE B 98 -41.62 17.40 11.13
N PHE B 99 -42.85 17.07 10.75
CA PHE B 99 -43.97 17.96 11.05
C PHE B 99 -44.01 18.27 12.52
N LEU B 100 -44.07 17.22 13.36
CA LEU B 100 -43.94 17.39 14.80
C LEU B 100 -42.70 18.19 15.14
N LEU B 101 -41.58 17.88 14.50
CA LEU B 101 -40.40 18.71 14.64
C LEU B 101 -40.72 20.15 14.26
N LEU B 102 -41.17 20.35 13.02
CA LEU B 102 -41.65 21.67 12.61
C LEU B 102 -42.61 22.22 13.64
N VAL B 103 -43.37 21.35 14.30
CA VAL B 103 -44.26 21.78 15.36
C VAL B 103 -43.45 22.26 16.56
N ILE B 104 -42.65 21.35 17.15
CA ILE B 104 -42.24 21.52 18.55
C ILE B 104 -41.53 22.85 18.77
N LEU B 105 -40.82 23.35 17.77
CA LEU B 105 -40.01 24.54 17.95
C LEU B 105 -40.83 25.77 18.31
N VAL B 106 -42.13 25.78 17.96
CA VAL B 106 -42.89 27.03 17.94
C VAL B 106 -42.95 27.69 19.31
N LYS B 107 -43.57 27.05 20.29
CA LYS B 107 -43.54 27.59 21.65
C LYS B 107 -42.10 27.80 22.08
N MET B 108 -41.22 26.90 21.65
CA MET B 108 -39.79 27.05 21.90
C MET B 108 -39.27 28.36 21.31
N THR B 109 -39.53 28.60 20.02
CA THR B 109 -39.09 29.91 19.52
C THR B 109 -39.98 31.03 20.01
N SER B 110 -41.04 30.73 20.76
CA SER B 110 -41.96 31.76 21.22
C SER B 110 -41.31 32.77 22.15
N ILE B 111 -40.04 32.59 22.46
CA ILE B 111 -39.38 33.51 23.38
C ILE B 111 -38.34 34.38 22.67
N GLU B 112 -37.64 33.83 21.68
CA GLU B 112 -36.46 34.51 21.16
C GLU B 112 -36.50 34.82 19.68
N GLN B 113 -37.18 34.01 18.86
CA GLN B 113 -37.13 34.12 17.41
C GLN B 113 -35.68 34.11 16.91
N PRO B 114 -34.95 33.02 17.13
CA PRO B 114 -33.50 33.04 16.85
C PRO B 114 -33.20 33.30 15.39
N ALA B 115 -32.20 34.15 15.15
CA ALA B 115 -31.75 34.44 13.79
C ALA B 115 -31.26 33.19 13.07
N ALA B 116 -30.94 32.13 13.80
CA ALA B 116 -30.75 30.84 13.16
C ALA B 116 -32.04 30.48 12.42
N SER B 117 -31.91 30.19 11.13
CA SER B 117 -33.08 29.92 10.32
C SER B 117 -33.56 28.49 10.51
N LEU B 118 -34.74 28.22 9.95
CA LEU B 118 -35.39 26.93 10.15
C LEU B 118 -34.52 25.79 9.65
N GLY B 119 -34.28 25.74 8.35
CA GLY B 119 -33.57 24.61 7.77
C GLY B 119 -32.30 24.29 8.53
N VAL B 120 -31.64 25.33 9.06
CA VAL B 120 -30.49 25.11 9.92
C VAL B 120 -30.88 24.20 11.08
N LEU B 121 -31.84 24.66 11.88
CA LEU B 121 -32.28 23.89 13.03
C LEU B 121 -32.69 22.49 12.61
N LEU B 122 -33.51 22.40 11.57
CA LEU B 122 -34.04 21.12 11.14
C LEU B 122 -32.92 20.14 10.86
N HIS B 123 -31.98 20.50 9.99
CA HIS B 123 -31.01 19.52 9.56
C HIS B 123 -30.04 19.21 10.69
N GLU B 124 -29.67 20.22 11.48
CA GLU B 124 -28.75 19.94 12.58
C GLU B 124 -29.39 18.99 13.58
N ASN B 125 -30.68 19.14 13.83
CA ASN B 125 -31.36 18.24 14.74
C ASN B 125 -31.51 16.85 14.15
N LEU B 126 -31.68 16.77 12.83
CA LEU B 126 -31.70 15.45 12.20
C LEU B 126 -30.35 14.77 12.36
N VAL B 127 -29.27 15.53 12.27
CA VAL B 127 -27.96 14.98 12.57
C VAL B 127 -27.93 14.47 14.00
N TYR B 128 -28.39 15.29 14.93
CA TYR B 128 -28.40 14.89 16.34
C TYR B 128 -29.17 13.60 16.53
N TYR B 129 -30.30 13.48 15.84
CA TYR B 129 -31.14 12.30 15.99
C TYR B 129 -30.48 11.08 15.37
N GLU B 130 -29.81 11.25 14.25
CA GLU B 130 -29.11 10.12 13.65
C GLU B 130 -27.96 9.67 14.55
N LEU B 131 -27.27 10.62 15.17
CA LEU B 131 -26.18 10.28 16.07
C LEU B 131 -26.69 9.52 17.28
N LYS B 132 -27.79 9.99 17.88
CA LYS B 132 -28.38 9.27 19.00
C LYS B 132 -28.90 7.91 18.57
N LYS B 133 -29.31 7.77 17.30
CA LYS B 133 -29.92 6.53 16.86
C LYS B 133 -28.91 5.39 16.82
N ASN B 134 -27.81 5.58 16.10
CA ASN B 134 -26.78 4.54 15.95
C ASN B 134 -25.56 4.85 16.81
N GLY B 135 -25.77 5.34 18.03
CA GLY B 135 -24.65 5.77 18.85
C GLY B 135 -23.59 4.71 19.06
N ASN B 136 -24.01 3.44 19.10
CA ASN B 136 -23.06 2.37 19.35
C ASN B 136 -22.05 2.19 18.23
N GLN B 137 -22.37 2.66 17.02
CA GLN B 137 -21.53 2.39 15.85
C GLN B 137 -20.29 3.23 16.07
N MET B 138 -19.18 2.57 16.41
CA MET B 138 -17.90 3.23 16.57
C MET B 138 -17.25 3.13 15.19
N ASN B 139 -17.89 3.71 14.18
CA ASN B 139 -17.47 3.55 12.79
C ASN B 139 -16.27 4.42 12.48
N VAL B 140 -15.81 5.24 13.42
CA VAL B 140 -14.55 5.96 13.32
C VAL B 140 -13.85 5.82 14.66
N ARG B 141 -12.67 5.22 14.66
CA ARG B 141 -11.98 4.91 15.92
C ARG B 141 -10.47 4.98 15.68
N PHE B 142 -9.89 6.12 16.01
CA PHE B 142 -8.44 6.27 15.99
C PHE B 142 -7.89 5.55 17.22
N PHE B 143 -7.25 4.40 16.99
CA PHE B 143 -6.76 3.59 18.10
C PHE B 143 -5.63 4.30 18.83
N GLY B 144 -5.60 4.15 20.14
CA GLY B 144 -4.55 4.69 20.97
C GLY B 144 -4.82 6.08 21.51
N ALA B 145 -5.33 6.98 20.67
CA ALA B 145 -5.54 8.35 21.10
C ALA B 145 -7.01 8.70 21.23
N ILE B 146 -7.80 8.57 20.16
CA ILE B 146 -9.19 8.95 20.23
C ILE B 146 -10.05 7.71 20.02
N ASP B 147 -10.40 7.05 21.11
CA ASP B 147 -11.16 5.80 21.07
C ASP B 147 -12.62 6.14 21.33
N VAL B 148 -13.25 6.74 20.33
CA VAL B 148 -14.55 7.38 20.51
C VAL B 148 -15.53 6.93 19.43
N SER B 149 -16.71 7.52 19.44
CA SER B 149 -17.80 7.14 18.54
C SER B 149 -18.74 8.33 18.43
N PRO B 150 -19.76 8.23 17.58
CA PRO B 150 -20.83 9.23 17.62
C PRO B 150 -21.44 9.38 19.01
N SER B 151 -22.26 10.41 19.19
CA SER B 151 -22.88 10.75 20.46
C SER B 151 -21.87 11.13 21.52
N ILE B 152 -20.62 11.36 21.14
CA ILE B 152 -19.67 12.04 22.01
C ILE B 152 -19.33 13.43 21.50
N PHE B 153 -19.41 13.66 20.19
CA PHE B 153 -19.11 14.99 19.67
C PHE B 153 -20.21 16.00 19.99
N PRO B 154 -21.45 15.83 19.54
CA PRO B 154 -22.40 16.96 19.53
C PRO B 154 -22.48 17.72 20.83
N ILE B 155 -22.36 17.03 21.97
CA ILE B 155 -22.26 17.74 23.24
C ILE B 155 -20.99 18.58 23.27
N TYR B 156 -19.86 17.99 22.85
CA TYR B 156 -18.62 18.76 22.78
C TYR B 156 -18.80 19.97 21.87
N MET B 157 -19.51 19.80 20.77
CA MET B 157 -19.77 20.87 19.82
C MET B 157 -20.52 22.00 20.51
N ASN B 158 -21.75 21.70 20.92
CA ASN B 158 -22.66 22.76 21.34
C ASN B 158 -22.22 23.39 22.66
N ALA B 159 -21.83 22.57 23.63
CA ALA B 159 -21.45 23.12 24.92
C ALA B 159 -20.28 24.07 24.77
N VAL B 160 -19.21 23.63 24.12
CA VAL B 160 -18.04 24.49 23.98
C VAL B 160 -18.38 25.71 23.12
N MET B 161 -19.23 25.54 22.10
CA MET B 161 -19.75 26.70 21.38
C MET B 161 -20.25 27.75 22.35
N TYR B 162 -21.10 27.33 23.30
CA TYR B 162 -21.58 28.25 24.31
C TYR B 162 -20.43 28.93 25.04
N PHE B 163 -19.35 28.19 25.29
CA PHE B 163 -18.27 28.74 26.10
C PHE B 163 -17.48 29.79 25.33
N VAL B 164 -16.97 29.44 24.17
CA VAL B 164 -16.07 30.33 23.45
C VAL B 164 -16.80 31.37 22.62
N TYR B 165 -17.87 30.98 21.92
CA TYR B 165 -18.59 31.96 21.11
C TYR B 165 -19.66 32.70 21.93
N LYS B 166 -20.04 32.15 23.08
CA LYS B 166 -20.88 32.86 24.05
C LYS B 166 -22.19 33.31 23.41
N ARG B 167 -22.92 32.34 22.86
CA ARG B 167 -24.26 32.63 22.37
C ARG B 167 -25.24 32.62 23.54
N SER B 168 -26.53 32.75 23.22
CA SER B 168 -27.56 32.73 24.26
C SER B 168 -27.84 31.30 24.72
N TRP B 169 -27.93 31.11 26.03
CA TRP B 169 -28.05 29.78 26.61
C TRP B 169 -29.25 29.03 26.05
N LEU B 170 -30.45 29.52 26.31
CA LEU B 170 -31.66 28.85 25.86
C LEU B 170 -31.71 28.76 24.34
N GLU B 171 -31.26 29.82 23.67
CA GLU B 171 -31.27 29.81 22.21
C GLU B 171 -30.47 28.64 21.67
N ILE B 172 -29.28 28.43 22.22
CA ILE B 172 -28.50 27.26 21.84
C ILE B 172 -29.19 25.98 22.28
N ALA B 173 -29.80 25.98 23.46
CA ALA B 173 -30.53 24.81 23.90
C ALA B 173 -31.49 24.34 22.83
N MET B 174 -32.15 25.29 22.17
CA MET B 174 -33.05 24.95 21.07
C MET B 174 -32.37 24.16 19.96
N ASN B 175 -31.04 24.13 19.92
CA ASN B 175 -30.37 23.44 18.83
C ASN B 175 -30.70 21.95 18.84
N PHE B 176 -30.80 21.36 20.01
CA PHE B 176 -30.87 19.92 20.11
C PHE B 176 -32.00 19.42 20.98
N MET B 177 -32.43 20.18 21.99
CA MET B 177 -33.47 19.73 22.92
C MET B 177 -34.67 19.06 22.23
N PRO B 178 -35.23 19.61 21.15
CA PRO B 178 -36.29 18.86 20.46
C PRO B 178 -35.84 17.48 20.04
N GLY B 179 -34.64 17.37 19.47
CA GLY B 179 -34.16 16.07 19.06
C GLY B 179 -34.08 15.09 20.22
N HIS B 180 -33.67 15.57 21.38
CA HIS B 180 -33.59 14.69 22.54
C HIS B 180 -34.98 14.27 22.99
N VAL B 181 -35.97 15.16 22.90
CA VAL B 181 -37.33 14.75 23.23
C VAL B 181 -37.82 13.71 22.23
N ILE B 182 -37.46 13.86 20.96
CA ILE B 182 -37.87 12.89 19.95
C ILE B 182 -37.27 11.53 20.25
N TYR B 183 -35.97 11.50 20.54
CA TYR B 183 -35.33 10.23 20.87
C TYR B 183 -35.92 9.63 22.13
N TYR B 184 -36.30 10.49 23.09
CA TYR B 184 -36.99 10.03 24.28
C TYR B 184 -38.28 9.31 23.92
N MET B 185 -39.13 9.95 23.12
CA MET B 185 -40.37 9.34 22.70
C MET B 185 -40.13 8.10 21.86
N ASP B 186 -38.96 8.01 21.21
CA ASP B 186 -38.60 6.80 20.48
C ASP B 186 -38.35 5.65 21.43
N ASP B 187 -37.49 5.86 22.43
CA ASP B 187 -37.05 4.74 23.25
C ASP B 187 -38.03 4.38 24.35
N ILE B 188 -38.91 5.30 24.77
CA ILE B 188 -39.79 5.00 25.89
C ILE B 188 -40.78 3.90 25.52
N ILE B 189 -41.32 3.96 24.31
CA ILE B 189 -42.25 2.91 23.90
C ILE B 189 -41.53 1.58 23.75
N GLY B 190 -40.29 1.61 23.25
CA GLY B 190 -39.44 0.43 23.31
C GLY B 190 -39.21 -0.04 24.73
N LYS B 191 -39.38 0.84 25.70
CA LYS B 191 -39.34 0.49 27.11
C LYS B 191 -40.72 0.34 27.73
N ILE B 192 -41.75 0.91 27.11
CA ILE B 192 -43.10 0.76 27.64
C ILE B 192 -44.10 0.49 26.54
N PRO C 26 31.61 -49.12 28.88
CA PRO C 26 30.55 -48.29 29.47
C PRO C 26 29.44 -47.99 28.47
N TRP C 27 29.81 -47.93 27.18
CA TRP C 27 28.89 -47.48 26.15
C TRP C 27 27.54 -48.19 26.08
N PRO C 28 27.41 -49.48 26.41
CA PRO C 28 26.05 -50.07 26.38
C PRO C 28 25.05 -49.35 27.26
N GLU C 29 25.37 -49.15 28.54
CA GLU C 29 24.47 -48.39 29.40
C GLU C 29 24.37 -46.95 28.94
N ALA C 30 25.43 -46.41 28.35
CA ALA C 30 25.34 -45.07 27.77
C ALA C 30 24.22 -45.00 26.73
N ARG C 31 24.20 -45.94 25.79
CA ARG C 31 23.17 -45.93 24.76
C ARG C 31 21.80 -46.18 25.36
N HIS C 32 21.73 -47.05 26.37
CA HIS C 32 20.45 -47.28 27.03
C HIS C 32 19.95 -46.00 27.68
N LEU C 33 20.86 -45.17 28.16
CA LEU C 33 20.48 -43.83 28.59
C LEU C 33 19.96 -43.01 27.44
N LEU C 34 20.77 -42.86 26.39
CA LEU C 34 20.45 -42.00 25.26
C LEU C 34 19.13 -42.34 24.58
N ASN C 35 18.63 -43.56 24.76
CA ASN C 35 17.42 -43.99 24.06
C ASN C 35 16.18 -43.26 24.56
N THR C 36 16.31 -42.34 25.51
CA THR C 36 15.13 -41.80 26.18
C THR C 36 14.88 -40.32 25.93
N ILE C 37 15.80 -39.57 25.34
CA ILE C 37 15.79 -38.11 25.46
C ILE C 37 15.37 -37.39 24.19
N ALA C 38 14.78 -38.08 23.21
CA ALA C 38 14.04 -37.37 22.17
C ALA C 38 14.88 -36.36 21.40
N LYS C 39 15.77 -36.83 20.51
CA LYS C 39 16.84 -36.03 19.91
C LYS C 39 16.48 -34.59 19.63
N SER C 40 15.42 -34.36 18.87
CA SER C 40 15.08 -33.01 18.45
C SER C 40 13.57 -32.90 18.34
N ARG C 41 13.05 -31.71 18.59
CA ARG C 41 11.63 -31.43 18.43
C ARG C 41 11.47 -30.40 17.32
N ASP C 42 10.66 -30.75 16.31
CA ASP C 42 10.40 -29.86 15.20
C ASP C 42 8.99 -29.31 15.31
N PRO C 43 8.81 -28.14 15.93
CA PRO C 43 7.46 -27.61 16.16
C PRO C 43 6.58 -27.58 14.93
N MET C 44 7.16 -27.67 13.73
CA MET C 44 6.35 -27.74 12.53
C MET C 44 5.44 -28.97 12.51
N LYS C 45 5.80 -30.02 13.24
CA LYS C 45 4.95 -31.20 13.34
C LYS C 45 4.13 -31.23 14.61
N GLU C 46 4.71 -30.82 15.74
CA GLU C 46 3.93 -30.78 16.97
C GLU C 46 2.79 -29.78 16.89
N ALA C 47 2.90 -28.77 16.03
CA ALA C 47 1.78 -27.89 15.80
C ALA C 47 0.77 -28.46 14.82
N ALA C 48 0.89 -29.75 14.49
CA ALA C 48 -0.05 -30.38 13.56
C ALA C 48 -1.14 -31.18 14.25
N MET C 49 -1.01 -31.44 15.55
CA MET C 49 -2.05 -32.20 16.25
C MET C 49 -3.33 -31.38 16.39
N GLU C 50 -3.22 -30.20 16.98
CA GLU C 50 -4.39 -29.38 17.25
C GLU C 50 -5.08 -28.96 15.96
N VAL C 57 3.70 -18.07 12.14
CA VAL C 57 4.27 -16.82 12.63
C VAL C 57 5.64 -16.58 11.98
N GLY C 58 6.60 -16.14 12.77
CA GLY C 58 7.94 -15.83 12.28
C GLY C 58 9.01 -16.24 13.26
N PHE C 59 10.19 -15.67 13.08
CA PHE C 59 11.39 -16.07 13.82
C PHE C 59 12.26 -14.86 14.06
N TYR C 60 13.36 -15.09 14.77
CA TYR C 60 14.35 -14.06 15.07
C TYR C 60 15.65 -14.40 14.38
N VAL C 61 16.16 -13.46 13.60
CA VAL C 61 17.51 -13.57 13.06
C VAL C 61 18.37 -12.51 13.75
N PRO C 62 19.62 -12.79 14.05
CA PRO C 62 20.51 -11.75 14.55
C PRO C 62 21.12 -10.99 13.38
N MET C 63 21.65 -9.82 13.69
CA MET C 63 22.25 -8.93 12.71
C MET C 63 23.76 -8.93 12.76
N ASP C 64 24.33 -9.46 13.84
CA ASP C 64 25.77 -9.42 14.09
C ASP C 64 26.17 -10.65 14.88
N TYR C 65 27.45 -10.70 15.26
CA TYR C 65 28.02 -11.88 15.89
C TYR C 65 29.26 -11.45 16.66
N SER C 66 29.64 -12.26 17.64
CA SER C 66 30.87 -12.00 18.38
C SER C 66 31.36 -13.30 19.02
N PRO C 67 32.60 -13.71 18.75
CA PRO C 67 33.08 -14.97 19.34
C PRO C 67 33.09 -14.92 20.86
N ARG C 68 33.44 -13.78 21.44
CA ARG C 68 33.40 -13.66 22.89
C ARG C 68 31.97 -13.82 23.39
N ASN C 69 31.02 -13.15 22.75
CA ASN C 69 29.63 -13.30 23.16
C ASN C 69 29.17 -14.75 23.03
N GLU C 70 29.66 -15.46 22.01
CA GLU C 70 29.24 -16.85 21.86
C GLU C 70 29.83 -17.72 22.95
N GLU C 71 31.10 -17.55 23.27
CA GLU C 71 31.70 -18.33 24.34
C GLU C 71 30.97 -18.07 25.66
N LYS C 72 30.63 -16.81 25.93
CA LYS C 72 29.96 -16.51 27.20
C LYS C 72 28.54 -17.07 27.21
N ASN C 73 27.85 -17.01 26.08
CA ASN C 73 26.57 -17.68 25.96
C ASN C 73 26.70 -19.15 26.30
N TYR C 74 27.75 -19.79 25.78
CA TYR C 74 27.94 -21.20 26.03
C TYR C 74 28.19 -21.48 27.50
N GLN C 75 29.04 -20.68 28.13
CA GLN C 75 29.30 -20.86 29.56
C GLN C 75 28.02 -20.73 30.36
N SER C 76 27.21 -19.71 30.05
CA SER C 76 25.95 -19.54 30.76
C SER C 76 25.05 -20.75 30.58
N ILE C 77 24.93 -21.24 29.35
CA ILE C 77 24.06 -22.37 29.09
C ILE C 77 24.53 -23.58 29.89
N TRP C 78 25.82 -23.85 29.90
CA TRP C 78 26.31 -24.98 30.68
C TRP C 78 26.20 -24.75 32.17
N GLN C 79 26.14 -23.50 32.61
CA GLN C 79 26.12 -23.22 34.04
C GLN C 79 24.72 -23.38 34.62
N ASN C 80 23.71 -22.85 33.94
CA ASN C 80 22.41 -22.72 34.58
C ASN C 80 21.30 -23.54 33.94
N GLU C 81 21.48 -24.06 32.73
CA GLU C 81 20.34 -24.61 32.00
C GLU C 81 20.28 -26.14 32.08
N ILE C 82 21.44 -26.81 32.00
CA ILE C 82 21.43 -28.26 31.84
C ILE C 82 20.98 -28.95 33.12
N THR C 83 20.42 -30.15 32.98
CA THR C 83 20.01 -30.94 34.13
C THR C 83 21.12 -31.90 34.56
N ASP C 84 20.99 -32.40 35.80
CA ASP C 84 22.04 -33.23 36.40
C ASP C 84 22.19 -34.55 35.67
N SER C 85 21.08 -35.23 35.38
CA SER C 85 21.16 -36.49 34.63
C SER C 85 21.94 -36.29 33.35
N GLN C 86 21.73 -35.16 32.68
CA GLN C 86 22.46 -34.89 31.45
C GLN C 86 23.95 -34.67 31.74
N ARG C 87 24.27 -34.05 32.89
CA ARG C 87 25.66 -33.95 33.28
C ARG C 87 26.29 -35.34 33.35
N HIS C 88 25.61 -36.26 34.03
CA HIS C 88 26.06 -37.65 34.08
C HIS C 88 26.25 -38.23 32.68
N ILE C 89 25.26 -38.05 31.82
CA ILE C 89 25.33 -38.61 30.47
C ILE C 89 26.56 -38.09 29.75
N TYR C 90 26.75 -36.78 29.76
CA TYR C 90 27.82 -36.19 28.98
C TYR C 90 29.20 -36.55 29.54
N GLU C 91 29.36 -36.57 30.86
CA GLU C 91 30.64 -36.96 31.41
C GLU C 91 30.93 -38.42 31.07
N LEU C 92 29.92 -39.28 31.11
CA LEU C 92 30.12 -40.67 30.74
C LEU C 92 30.53 -40.77 29.28
N LEU C 93 29.93 -39.93 28.42
CA LEU C 93 30.28 -39.97 27.01
C LEU C 93 31.71 -39.52 26.77
N VAL C 94 32.14 -38.45 27.42
CA VAL C 94 33.50 -37.96 27.17
C VAL C 94 34.51 -38.98 27.68
N GLN C 95 34.22 -39.60 28.84
CA GLN C 95 35.13 -40.62 29.34
C GLN C 95 35.16 -41.83 28.44
N SER C 96 34.01 -42.19 27.87
CA SER C 96 33.94 -43.34 26.98
C SER C 96 34.74 -43.09 25.70
N SER C 97 34.46 -41.99 25.02
CA SER C 97 35.15 -41.67 23.78
C SER C 97 36.54 -41.09 24.00
N GLU C 98 36.99 -40.98 25.25
CA GLU C 98 38.33 -40.48 25.52
C GLU C 98 39.27 -41.57 26.02
N GLN C 99 38.90 -42.25 27.10
CA GLN C 99 39.72 -43.33 27.65
C GLN C 99 39.81 -44.47 26.64
N PHE C 100 38.68 -44.83 26.05
CA PHE C 100 38.66 -45.84 25.01
C PHE C 100 38.35 -45.21 23.66
N ASN C 101 39.01 -45.71 22.62
CA ASN C 101 38.72 -45.30 21.25
C ASN C 101 37.50 -46.12 20.80
N ASN C 102 36.37 -45.85 21.45
CA ASN C 102 35.19 -46.67 21.25
C ASN C 102 34.65 -46.57 19.84
N SER C 103 34.92 -45.47 19.14
CA SER C 103 34.49 -45.23 17.76
C SER C 103 32.98 -45.28 17.59
N GLU C 104 32.23 -45.33 18.67
CA GLU C 104 30.79 -45.20 18.61
C GLU C 104 30.23 -44.30 19.68
N ALA C 105 31.06 -43.77 20.56
CA ALA C 105 30.72 -42.56 21.27
C ALA C 105 31.27 -41.34 20.57
N THR C 106 32.38 -41.50 19.86
CA THR C 106 32.96 -40.39 19.12
C THR C 106 31.99 -39.85 18.08
N TYR C 107 31.53 -40.72 17.19
CA TYR C 107 30.61 -40.28 16.16
C TYR C 107 29.38 -39.62 16.75
N THR C 108 28.72 -40.31 17.67
CA THR C 108 27.45 -39.78 18.16
C THR C 108 27.65 -38.51 18.96
N LEU C 109 28.78 -38.36 19.64
CA LEU C 109 29.03 -37.12 20.37
C LEU C 109 29.32 -35.98 19.40
N SER C 110 30.00 -36.28 18.29
CA SER C 110 30.12 -35.32 17.21
C SER C 110 28.75 -34.87 16.74
N GLN C 111 27.87 -35.83 16.46
CA GLN C 111 26.54 -35.46 16.00
C GLN C 111 25.79 -34.62 17.02
N ILE C 112 25.88 -34.97 18.30
CA ILE C 112 25.24 -34.16 19.34
C ILE C 112 25.75 -32.73 19.26
N HIS C 113 27.06 -32.57 19.41
CA HIS C 113 27.61 -31.22 19.50
C HIS C 113 27.43 -30.42 18.22
N LEU C 114 27.27 -31.07 17.07
CA LEU C 114 27.16 -30.33 15.82
C LEU C 114 25.73 -29.99 15.46
N TRP C 115 24.85 -30.97 15.42
CA TRP C 115 23.48 -30.69 15.03
C TRP C 115 22.63 -30.20 16.18
N SER C 116 23.21 -29.94 17.34
CA SER C 116 22.48 -29.45 18.50
C SER C 116 21.24 -30.31 18.77
N GLN C 117 21.52 -31.56 19.10
CA GLN C 117 20.50 -32.50 19.52
C GLN C 117 20.70 -32.87 20.98
N TYR C 118 19.64 -33.43 21.57
CA TYR C 118 19.59 -33.71 23.01
C TYR C 118 19.77 -32.44 23.83
N ASN C 119 19.30 -31.31 23.29
CA ASN C 119 19.17 -30.05 24.01
C ASN C 119 20.49 -29.49 24.51
N PHE C 120 21.60 -29.99 24.04
CA PHE C 120 22.90 -29.43 24.35
C PHE C 120 23.20 -28.29 23.39
N PRO C 121 24.13 -27.40 23.75
CA PRO C 121 24.43 -26.26 22.89
C PRO C 121 25.21 -26.67 21.63
N HIS C 122 25.27 -25.74 20.69
CA HIS C 122 25.98 -25.94 19.44
C HIS C 122 27.43 -25.47 19.62
N ASN C 123 28.37 -26.41 19.58
CA ASN C 123 29.77 -26.04 19.68
C ASN C 123 30.49 -26.43 18.40
N MET C 124 30.92 -25.44 17.65
CA MET C 124 31.48 -25.68 16.33
C MET C 124 32.91 -26.16 16.36
N THR C 125 33.64 -25.95 17.46
CA THR C 125 35.02 -26.43 17.46
C THR C 125 35.12 -27.85 18.01
N LEU C 126 34.26 -28.19 18.98
CA LEU C 126 34.30 -29.54 19.52
C LEU C 126 33.87 -30.55 18.48
N ALA C 127 32.86 -30.21 17.67
CA ALA C 127 32.47 -31.07 16.58
C ALA C 127 33.61 -31.27 15.61
N HIS C 128 34.36 -30.22 15.32
CA HIS C 128 35.51 -30.35 14.45
C HIS C 128 36.51 -31.35 15.03
N LYS C 129 36.87 -31.15 16.29
CA LYS C 129 37.86 -32.01 16.92
C LYS C 129 37.42 -33.48 16.88
N TYR C 130 36.16 -33.72 17.24
CA TYR C 130 35.74 -35.11 17.37
C TYR C 130 35.51 -35.76 16.02
N LEU C 131 35.09 -35.00 15.01
CA LEU C 131 35.01 -35.58 13.67
C LEU C 131 36.39 -35.90 13.14
N GLU C 132 37.37 -35.06 13.46
CA GLU C 132 38.75 -35.42 13.14
C GLU C 132 39.15 -36.74 13.78
N LYS C 133 38.89 -36.87 15.09
CA LYS C 133 39.25 -38.11 15.79
C LYS C 133 38.56 -39.31 15.17
N PHE C 134 37.29 -39.17 14.80
CA PHE C 134 36.57 -40.26 14.15
C PHE C 134 37.24 -40.66 12.85
N ASN C 135 37.50 -39.67 11.99
CA ASN C 135 38.13 -40.01 10.72
C ASN C 135 39.45 -40.72 10.94
N ASP C 136 40.20 -40.32 11.98
CA ASP C 136 41.41 -41.06 12.32
C ASP C 136 41.10 -42.52 12.64
N LEU C 137 40.17 -42.75 13.57
CA LEU C 137 39.91 -44.11 14.03
C LEU C 137 39.46 -45.00 12.88
N THR C 138 38.55 -44.51 12.05
CA THR C 138 37.90 -45.35 11.07
C THR C 138 38.66 -45.40 9.74
N HIS C 139 39.71 -44.60 9.61
CA HIS C 139 40.63 -44.67 8.47
C HIS C 139 39.89 -44.61 7.13
N PHE C 140 39.23 -43.48 6.86
CA PHE C 140 38.64 -43.23 5.56
C PHE C 140 37.68 -44.35 5.14
N THR C 141 36.83 -44.77 6.07
CA THR C 141 35.90 -45.85 5.79
C THR C 141 34.44 -45.42 5.83
N ASN C 142 34.13 -44.27 6.43
CA ASN C 142 32.76 -43.81 6.61
C ASN C 142 32.62 -42.53 5.81
N HIS C 143 31.61 -42.47 4.95
CA HIS C 143 31.48 -41.33 4.05
C HIS C 143 30.72 -40.15 4.66
N SER C 144 29.88 -40.40 5.67
CA SER C 144 29.16 -39.28 6.27
C SER C 144 30.12 -38.28 6.89
N ALA C 145 30.99 -38.76 7.77
CA ALA C 145 31.95 -37.86 8.41
C ALA C 145 32.92 -37.28 7.41
N ILE C 146 33.26 -38.02 6.36
CA ILE C 146 34.10 -37.45 5.32
C ILE C 146 33.41 -36.26 4.67
N PHE C 147 32.14 -36.40 4.34
CA PHE C 147 31.37 -35.32 3.72
C PHE C 147 31.34 -34.09 4.62
N ASP C 148 30.99 -34.29 5.89
CA ASP C 148 30.87 -33.15 6.78
C ASP C 148 32.23 -32.49 7.02
N LEU C 149 33.28 -33.28 7.16
CA LEU C 149 34.60 -32.70 7.28
C LEU C 149 34.99 -31.94 6.02
N ALA C 150 34.53 -32.40 4.87
CA ALA C 150 34.85 -31.69 3.63
C ALA C 150 34.18 -30.32 3.61
N VAL C 151 32.90 -30.26 3.98
CA VAL C 151 32.21 -28.98 4.06
C VAL C 151 32.93 -28.05 5.03
N MET C 152 33.29 -28.56 6.19
CA MET C 152 33.95 -27.71 7.18
C MET C 152 35.34 -27.28 6.76
N TYR C 153 36.02 -28.04 5.92
CA TYR C 153 37.29 -27.58 5.40
C TYR C 153 37.14 -26.67 4.20
N ALA C 154 35.94 -26.61 3.61
CA ALA C 154 35.73 -25.70 2.48
C ALA C 154 35.17 -24.35 2.90
N THR C 155 34.40 -24.27 3.99
CA THR C 155 33.86 -22.98 4.39
C THR C 155 34.71 -22.26 5.42
N GLY C 156 35.74 -22.91 5.96
CA GLY C 156 36.64 -22.23 6.88
C GLY C 156 35.99 -21.74 8.14
N GLY C 157 34.82 -22.25 8.48
CA GLY C 157 34.18 -21.87 9.73
C GLY C 157 34.94 -22.42 10.92
N CYS C 158 34.96 -23.73 11.05
CA CYS C 158 35.70 -24.40 12.10
C CYS C 158 35.30 -23.90 13.47
N PRO C 168 40.58 -20.68 7.92
CA PRO C 168 40.77 -20.48 6.48
C PRO C 168 40.51 -21.73 5.67
N GLN C 169 40.08 -21.57 4.42
CA GLN C 169 39.74 -22.69 3.56
C GLN C 169 40.93 -23.04 2.68
N ASP C 170 40.90 -24.24 2.09
CA ASP C 170 41.89 -24.64 1.10
C ASP C 170 41.23 -25.63 0.17
N SER C 171 40.98 -25.21 -1.07
CA SER C 171 40.16 -26.00 -1.98
C SER C 171 40.78 -27.37 -2.27
N ALA C 172 42.09 -27.51 -2.12
CA ALA C 172 42.74 -28.77 -2.42
C ALA C 172 42.23 -29.90 -1.54
N LYS C 173 42.26 -29.70 -0.21
CA LYS C 173 41.78 -30.74 0.68
C LYS C 173 40.29 -30.99 0.47
N ALA C 174 39.53 -29.92 0.26
CA ALA C 174 38.11 -30.10 -0.01
C ALA C 174 37.88 -31.00 -1.20
N LEU C 175 38.60 -30.77 -2.29
CA LEU C 175 38.38 -31.58 -3.48
C LEU C 175 38.85 -33.01 -3.28
N LEU C 176 39.95 -33.18 -2.54
CA LEU C 176 40.41 -34.53 -2.22
C LEU C 176 39.34 -35.31 -1.47
N TYR C 177 38.77 -34.70 -0.43
CA TYR C 177 37.73 -35.37 0.34
C TYR C 177 36.49 -35.63 -0.50
N TYR C 178 36.11 -34.68 -1.34
CA TYR C 178 34.95 -34.89 -2.20
C TYR C 178 35.14 -36.09 -3.09
N GLN C 179 36.30 -36.17 -3.77
CA GLN C 179 36.59 -37.31 -4.62
C GLN C 179 36.54 -38.61 -3.82
N ARG C 180 37.21 -38.63 -2.67
CA ARG C 180 37.28 -39.85 -1.88
C ARG C 180 35.89 -40.30 -1.43
N ALA C 181 35.04 -39.36 -1.04
CA ALA C 181 33.69 -39.72 -0.64
C ALA C 181 32.82 -40.12 -1.81
N ALA C 182 33.11 -39.63 -3.00
CA ALA C 182 32.41 -40.12 -4.17
C ALA C 182 32.79 -41.57 -4.46
N GLN C 183 34.03 -41.95 -4.14
CA GLN C 183 34.45 -43.34 -4.32
C GLN C 183 33.57 -44.29 -3.50
N LEU C 184 33.23 -43.89 -2.28
CA LEU C 184 32.55 -44.81 -1.37
C LEU C 184 31.10 -45.08 -1.75
N GLY C 185 30.50 -44.24 -2.57
CA GLY C 185 29.13 -44.49 -2.99
C GLY C 185 28.10 -43.63 -2.28
N ASN C 186 28.43 -42.35 -2.11
CA ASN C 186 27.49 -41.40 -1.54
C ASN C 186 26.75 -40.69 -2.68
N LEU C 187 25.73 -39.92 -2.34
CA LEU C 187 25.02 -39.18 -3.38
C LEU C 187 25.39 -37.69 -3.36
N LYS C 188 25.20 -37.05 -2.21
CA LYS C 188 25.44 -35.61 -2.13
C LYS C 188 26.84 -35.25 -2.61
N ALA C 189 27.82 -36.10 -2.34
CA ALA C 189 29.16 -35.82 -2.84
C ALA C 189 29.18 -35.78 -4.36
N LYS C 190 28.54 -36.75 -4.99
CA LYS C 190 28.50 -36.76 -6.44
C LYS C 190 27.78 -35.53 -6.96
N GLN C 191 26.71 -35.11 -6.30
CA GLN C 191 26.02 -33.90 -6.75
C GLN C 191 26.93 -32.69 -6.66
N VAL C 192 27.64 -32.55 -5.54
CA VAL C 192 28.41 -31.31 -5.37
C VAL C 192 29.56 -31.28 -6.35
N LEU C 193 30.18 -32.42 -6.62
CA LEU C 193 31.22 -32.43 -7.65
C LEU C 193 30.63 -32.07 -9.01
N ALA C 194 29.47 -32.62 -9.34
CA ALA C 194 28.85 -32.33 -10.62
C ALA C 194 28.57 -30.84 -10.76
N TYR C 195 27.98 -30.24 -9.74
CA TYR C 195 27.71 -28.81 -9.80
C TYR C 195 29.00 -28.02 -9.95
N LYS C 196 29.99 -28.32 -9.09
CA LYS C 196 31.25 -27.58 -9.15
C LYS C 196 31.87 -27.66 -10.53
N TYR C 197 31.67 -28.77 -11.25
CA TYR C 197 32.13 -28.89 -12.63
C TYR C 197 31.14 -28.30 -13.62
N TYR C 198 30.10 -27.62 -13.15
CA TYR C 198 29.08 -27.08 -14.04
C TYR C 198 28.95 -25.58 -13.99
N SER C 199 29.03 -24.98 -12.80
CA SER C 199 29.08 -23.53 -12.71
C SER C 199 30.49 -22.99 -12.82
N GLY C 200 31.45 -23.82 -13.17
CA GLY C 200 32.79 -23.34 -13.38
C GLY C 200 33.47 -22.81 -12.15
N PHE C 201 32.86 -22.95 -10.97
CA PHE C 201 33.46 -22.41 -9.77
C PHE C 201 34.60 -23.29 -9.29
N ASN C 202 35.75 -22.68 -9.03
CA ASN C 202 36.92 -23.26 -8.38
C ASN C 202 37.65 -24.25 -9.27
N VAL C 203 37.08 -24.64 -10.41
CA VAL C 203 37.74 -25.48 -11.40
C VAL C 203 37.25 -25.00 -12.75
N PRO C 204 37.92 -25.36 -13.85
CA PRO C 204 37.43 -24.91 -15.16
C PRO C 204 36.08 -25.51 -15.47
N ARG C 205 35.34 -24.82 -16.32
CA ARG C 205 34.05 -25.30 -16.77
C ARG C 205 34.23 -26.51 -17.67
N ASN C 206 33.36 -27.50 -17.51
CA ASN C 206 33.40 -28.69 -18.37
C ASN C 206 32.03 -29.33 -18.30
N PHE C 207 31.33 -29.36 -19.42
CA PHE C 207 29.99 -29.92 -19.42
C PHE C 207 30.01 -31.44 -19.44
N HIS C 208 31.08 -32.05 -19.95
CA HIS C 208 31.03 -33.48 -20.21
C HIS C 208 31.15 -34.30 -18.93
N LYS C 209 32.13 -33.99 -18.09
CA LYS C 209 32.25 -34.71 -16.83
C LYS C 209 31.05 -34.45 -15.94
N SER C 210 30.53 -33.22 -15.99
CA SER C 210 29.29 -32.90 -15.31
C SER C 210 28.17 -33.81 -15.80
N LEU C 211 28.07 -33.98 -17.12
CA LEU C 211 27.04 -34.85 -17.68
C LEU C 211 27.19 -36.26 -17.16
N VAL C 212 28.43 -36.74 -17.07
CA VAL C 212 28.65 -38.10 -16.59
C VAL C 212 28.12 -38.24 -15.16
N LEU C 213 28.53 -37.33 -14.28
CA LEU C 213 28.07 -37.41 -12.90
C LEU C 213 26.55 -37.35 -12.82
N TYR C 214 25.94 -36.44 -13.57
CA TYR C 214 24.51 -36.24 -13.47
C TYR C 214 23.75 -37.44 -14.00
N ARG C 215 24.20 -38.03 -15.10
CA ARG C 215 23.54 -39.23 -15.59
C ARG C 215 23.66 -40.36 -14.58
N ASP C 216 24.82 -40.47 -13.93
CA ASP C 216 24.97 -41.47 -12.89
C ASP C 216 23.94 -41.28 -11.78
N ILE C 217 23.84 -40.06 -11.28
CA ILE C 217 22.94 -39.80 -10.15
C ILE C 217 21.50 -40.03 -10.56
N ALA C 218 21.12 -39.58 -11.75
CA ALA C 218 19.76 -39.79 -12.20
C ALA C 218 19.43 -41.27 -12.33
N GLU C 219 20.38 -42.06 -12.85
CA GLU C 219 20.13 -43.49 -12.96
C GLU C 219 19.88 -44.12 -11.60
N GLN C 220 20.75 -43.82 -10.64
CA GLN C 220 20.52 -44.35 -9.30
C GLN C 220 19.15 -43.94 -8.77
N LEU C 221 18.81 -42.66 -8.90
CA LEU C 221 17.55 -42.20 -8.36
C LEU C 221 16.37 -42.91 -8.99
N ARG C 222 16.37 -43.05 -10.32
CA ARG C 222 15.33 -43.81 -10.96
C ARG C 222 15.25 -45.23 -10.42
N LYS C 223 16.38 -45.86 -10.18
CA LYS C 223 16.34 -47.20 -9.61
C LYS C 223 15.88 -47.21 -8.15
N SER C 224 15.82 -46.05 -7.50
CA SER C 224 15.36 -46.03 -6.12
C SER C 224 13.83 -46.08 -6.00
N TYR C 225 13.10 -45.69 -7.03
CA TYR C 225 11.64 -45.64 -6.99
C TYR C 225 11.05 -46.95 -7.46
N SER C 226 9.95 -47.35 -6.82
CA SER C 226 9.29 -48.60 -7.16
C SER C 226 8.55 -48.45 -8.48
N ARG C 227 7.88 -49.52 -8.90
CA ARG C 227 7.09 -49.44 -10.13
C ARG C 227 5.78 -48.71 -9.87
N ASP C 228 5.27 -48.76 -8.65
CA ASP C 228 4.02 -48.10 -8.35
C ASP C 228 4.19 -46.59 -8.28
N GLU C 229 5.10 -46.11 -7.43
CA GLU C 229 5.27 -44.68 -7.25
C GLU C 229 5.71 -43.99 -8.53
N TRP C 230 6.42 -44.68 -9.41
CA TRP C 230 6.92 -44.03 -10.62
C TRP C 230 5.81 -43.77 -11.61
N ASP C 231 5.14 -44.82 -12.07
CA ASP C 231 4.12 -44.65 -13.10
C ASP C 231 2.82 -44.11 -12.51
N ILE C 232 2.34 -44.74 -11.44
CA ILE C 232 0.97 -44.52 -11.00
C ILE C 232 0.83 -43.18 -10.30
N VAL C 233 1.50 -43.01 -9.17
CA VAL C 233 1.27 -41.85 -8.33
C VAL C 233 2.59 -41.45 -7.68
N PHE C 234 2.93 -40.19 -7.79
CA PHE C 234 4.18 -39.73 -7.20
C PHE C 234 3.98 -39.38 -5.74
N PRO C 235 4.76 -39.96 -4.84
CA PRO C 235 4.63 -39.61 -3.42
C PRO C 235 4.80 -38.12 -3.22
N TYR C 236 4.06 -37.60 -2.26
CA TYR C 236 3.96 -36.17 -2.02
C TYR C 236 4.80 -35.85 -0.79
N TRP C 237 5.82 -35.04 -0.96
CA TRP C 237 6.61 -34.56 0.17
C TRP C 237 6.67 -33.04 0.13
N GLU C 238 6.46 -32.41 1.29
CA GLU C 238 6.60 -30.97 1.40
C GLU C 238 7.99 -30.58 0.93
N SER C 239 8.10 -29.41 0.34
CA SER C 239 9.39 -28.79 0.08
C SER C 239 9.61 -27.65 1.05
N TYR C 240 10.85 -27.47 1.48
CA TYR C 240 11.25 -26.27 2.20
C TYR C 240 12.30 -25.53 1.38
N ASN C 241 12.16 -25.61 0.05
CA ASN C 241 13.06 -24.98 -0.89
C ASN C 241 12.76 -23.50 -1.01
N VAL C 242 11.83 -22.97 -0.23
CA VAL C 242 11.64 -21.53 -0.19
C VAL C 242 12.82 -20.85 0.49
N ARG C 243 13.39 -19.89 -0.23
CA ARG C 243 14.50 -19.13 0.32
C ARG C 243 13.99 -18.28 1.46
N ILE C 244 14.77 -18.17 2.52
CA ILE C 244 14.39 -17.41 3.69
C ILE C 244 14.35 -15.94 3.30
N SER C 245 13.79 -15.05 4.14
CA SER C 245 13.64 -13.58 3.97
C SER C 245 12.55 -13.27 2.95
N ASP C 246 11.70 -14.27 2.74
CA ASP C 246 10.55 -14.16 1.87
C ASP C 246 9.42 -13.96 2.86
N PHE C 247 9.75 -14.17 4.13
CA PHE C 247 8.79 -14.01 5.21
C PHE C 247 8.85 -12.61 5.78
N GLU C 248 10.05 -12.10 6.01
CA GLU C 248 10.22 -10.74 6.48
C GLU C 248 10.04 -9.80 5.28
N SER C 249 10.48 -8.56 5.42
CA SER C 249 10.36 -7.56 4.36
C SER C 249 10.65 -8.11 2.98
N GLY C 250 11.85 -8.59 2.80
CA GLY C 250 12.34 -8.93 1.48
C GLY C 250 13.79 -8.52 1.40
N LEU C 251 14.37 -8.70 0.22
CA LEU C 251 15.77 -8.35 -0.01
C LEU C 251 15.85 -7.03 -0.77
N LEU C 252 16.80 -6.19 -0.34
CA LEU C 252 17.06 -4.88 -0.94
C LEU C 252 15.83 -3.97 -1.04
N GLY C 253 15.00 -3.99 0.01
CA GLY C 253 13.82 -3.15 0.06
C GLY C 253 12.49 -3.74 -0.41
N LYS C 254 11.43 -3.29 0.25
CA LYS C 254 10.06 -3.69 -0.05
C LYS C 254 9.56 -2.97 -1.30
N GLY C 255 8.93 -3.73 -2.18
CA GLY C 255 8.35 -3.16 -3.39
C GLY C 255 9.36 -2.62 -4.39
N LEU C 256 10.63 -2.96 -4.19
CA LEU C 256 11.70 -2.45 -5.03
C LEU C 256 12.51 -3.55 -5.72
N ASN C 257 12.35 -4.79 -5.32
CA ASN C 257 13.20 -5.89 -5.79
C ASN C 257 12.57 -6.55 -7.01
N SER C 258 13.44 -7.08 -7.89
CA SER C 258 12.99 -7.50 -9.21
C SER C 258 12.53 -8.94 -9.24
N VAL C 259 13.34 -9.84 -8.71
CA VAL C 259 13.01 -11.28 -8.77
C VAL C 259 11.79 -11.55 -7.93
N PRO C 260 10.79 -12.29 -8.42
CA PRO C 260 9.53 -12.40 -7.69
C PRO C 260 9.70 -13.15 -6.40
N SER C 261 9.01 -12.67 -5.37
CA SER C 261 8.99 -13.35 -4.10
C SER C 261 8.54 -14.79 -4.29
N SER C 262 9.29 -15.72 -3.73
CA SER C 262 9.03 -17.14 -3.89
C SER C 262 8.71 -17.75 -2.53
N THR C 263 7.44 -17.69 -2.17
CA THR C 263 6.87 -18.51 -1.08
C THR C 263 5.55 -19.02 -1.65
N VAL C 264 5.60 -20.17 -2.28
CA VAL C 264 4.47 -20.61 -3.08
C VAL C 264 3.27 -20.92 -2.21
N ARG C 265 3.50 -21.54 -1.05
CA ARG C 265 2.42 -21.97 -0.17
C ARG C 265 2.61 -21.39 1.23
N LYS C 266 1.66 -20.57 1.66
CA LYS C 266 1.59 -20.17 3.06
C LYS C 266 0.17 -19.74 3.36
N ARG C 267 -0.57 -20.58 4.08
CA ARG C 267 -1.92 -20.28 4.58
C ARG C 267 -2.86 -19.77 3.48
N THR C 268 -3.16 -20.66 2.53
CA THR C 268 -4.13 -20.33 1.49
C THR C 268 -5.42 -19.80 2.08
N THR C 269 -6.01 -18.81 1.40
CA THR C 269 -7.21 -18.14 1.87
C THR C 269 -7.83 -17.39 0.70
N ARG C 270 -8.98 -16.78 0.94
CA ARG C 270 -9.65 -16.01 -0.08
C ARG C 270 -10.26 -14.73 0.51
N ASP C 313 -24.33 -15.20 6.04
CA ASP C 313 -23.10 -15.20 6.82
C ASP C 313 -22.86 -16.57 7.46
N ALA C 314 -23.94 -17.35 7.60
CA ALA C 314 -23.86 -18.71 8.13
C ALA C 314 -24.05 -19.75 7.05
N SER C 315 -25.06 -19.59 6.19
CA SER C 315 -25.38 -20.61 5.19
C SER C 315 -24.22 -20.85 4.24
N GLU C 316 -23.84 -19.82 3.48
CA GLU C 316 -22.75 -19.97 2.53
C GLU C 316 -21.43 -20.29 3.23
N ARG C 317 -21.07 -19.48 4.23
CA ARG C 317 -19.72 -19.50 4.77
C ARG C 317 -19.31 -20.86 5.34
N ARG C 318 -20.27 -21.75 5.62
CA ARG C 318 -19.91 -23.04 6.22
C ARG C 318 -19.09 -23.89 5.26
N ILE C 319 -19.56 -24.04 4.02
CA ILE C 319 -18.84 -24.86 3.06
C ILE C 319 -17.50 -24.22 2.70
N ILE C 320 -17.45 -22.89 2.64
CA ILE C 320 -16.19 -22.20 2.45
C ILE C 320 -15.21 -22.58 3.55
N ARG C 321 -15.62 -22.39 4.80
CA ARG C 321 -14.72 -22.63 5.92
C ARG C 321 -14.26 -24.08 5.94
N ILE C 322 -15.16 -25.01 5.61
CA ILE C 322 -14.79 -26.42 5.71
C ILE C 322 -13.83 -26.80 4.59
N TYR C 323 -14.04 -26.25 3.38
CA TYR C 323 -13.08 -26.46 2.31
C TYR C 323 -11.72 -25.93 2.69
N TYR C 324 -11.66 -24.78 3.34
CA TYR C 324 -10.37 -24.20 3.66
C TYR C 324 -9.68 -24.94 4.79
N ALA C 325 -10.45 -25.46 5.75
CA ALA C 325 -9.82 -26.32 6.76
C ALA C 325 -9.25 -27.58 6.12
N ALA C 326 -10.03 -28.21 5.24
CA ALA C 326 -9.56 -29.41 4.56
C ALA C 326 -8.27 -29.15 3.79
N LEU C 327 -8.25 -28.08 3.00
CA LEU C 327 -7.04 -27.74 2.26
C LEU C 327 -5.87 -27.43 3.17
N ASN C 328 -6.03 -26.44 4.06
CA ASN C 328 -4.95 -26.01 4.92
C ASN C 328 -4.45 -27.14 5.81
N ASP C 329 -5.18 -28.25 5.93
CA ASP C 329 -4.57 -29.42 6.51
C ASP C 329 -4.28 -30.55 5.52
N TYR C 330 -4.44 -30.33 4.22
CA TYR C 330 -3.93 -31.28 3.24
C TYR C 330 -2.52 -30.92 2.78
N LYS C 331 -2.36 -29.75 2.17
CA LYS C 331 -1.04 -29.24 1.80
C LYS C 331 -0.54 -28.36 2.93
N GLY C 332 0.16 -28.98 3.86
CA GLY C 332 0.64 -28.26 5.02
C GLY C 332 1.50 -27.07 4.65
N THR C 333 1.48 -26.08 5.52
CA THR C 333 2.19 -24.84 5.27
C THR C 333 3.61 -24.95 5.82
N TYR C 334 4.31 -23.82 5.91
CA TYR C 334 5.68 -23.83 6.39
C TYR C 334 5.74 -23.86 7.90
N SER C 335 4.85 -23.13 8.56
CA SER C 335 4.87 -23.09 10.03
C SER C 335 4.33 -24.36 10.64
N GLN C 336 3.30 -24.96 10.04
CA GLN C 336 2.68 -26.17 10.58
C GLN C 336 2.64 -27.22 9.48
N SER C 337 3.12 -28.42 9.79
CA SER C 337 3.16 -29.48 8.79
C SER C 337 1.74 -29.95 8.46
N ARG C 338 1.67 -30.95 7.59
CA ARG C 338 0.39 -31.42 7.10
C ARG C 338 -0.18 -32.51 8.00
N ASN C 339 -1.49 -32.73 7.88
CA ASN C 339 -2.19 -33.76 8.64
C ASN C 339 -3.36 -34.25 7.81
N CYS C 340 -3.31 -35.51 7.38
CA CYS C 340 -4.34 -36.02 6.48
C CYS C 340 -5.50 -36.68 7.21
N GLU C 341 -5.24 -37.33 8.35
CA GLU C 341 -6.29 -38.08 9.03
C GLU C 341 -7.50 -37.20 9.31
N ARG C 342 -7.30 -36.05 9.95
CA ARG C 342 -8.43 -35.22 10.30
C ARG C 342 -9.13 -34.72 9.04
N ALA C 343 -8.36 -34.49 7.98
CA ALA C 343 -8.99 -34.07 6.72
C ALA C 343 -9.87 -35.17 6.17
N LYS C 344 -9.40 -36.43 6.22
CA LYS C 344 -10.21 -37.53 5.72
C LYS C 344 -11.49 -37.68 6.53
N ASN C 345 -11.36 -37.69 7.85
CA ASN C 345 -12.55 -37.83 8.69
C ASN C 345 -13.54 -36.70 8.43
N LEU C 346 -13.04 -35.48 8.30
CA LEU C 346 -13.93 -34.34 8.09
C LEU C 346 -14.61 -34.41 6.74
N LEU C 347 -13.89 -34.85 5.71
CA LEU C 347 -14.53 -34.97 4.40
C LEU C 347 -15.59 -36.05 4.41
N GLU C 348 -15.30 -37.20 5.02
CA GLU C 348 -16.32 -38.24 5.11
C GLU C 348 -17.55 -37.72 5.83
N LEU C 349 -17.34 -37.04 6.96
CA LEU C 349 -18.44 -36.48 7.73
C LEU C 349 -19.29 -35.55 6.88
N THR C 350 -18.65 -34.58 6.22
CA THR C 350 -19.43 -33.59 5.49
C THR C 350 -20.10 -34.19 4.26
N TYR C 351 -19.49 -35.21 3.64
CA TYR C 351 -20.18 -35.88 2.55
C TYR C 351 -21.45 -36.55 3.03
N LYS C 352 -21.34 -37.35 4.10
CA LYS C 352 -22.53 -38.01 4.62
C LYS C 352 -23.58 -37.01 5.08
N GLU C 353 -23.15 -35.90 5.67
CA GLU C 353 -24.08 -34.93 6.23
C GLU C 353 -24.73 -34.06 5.17
N PHE C 354 -24.11 -33.88 4.00
CA PHE C 354 -24.70 -33.05 2.97
C PHE C 354 -25.32 -33.81 1.82
N GLN C 355 -25.08 -35.11 1.69
CA GLN C 355 -25.54 -35.83 0.51
C GLN C 355 -27.05 -35.79 0.27
N PRO C 356 -27.93 -35.98 1.26
CA PRO C 356 -29.37 -36.11 0.92
C PRO C 356 -30.02 -34.91 0.24
N HIS C 357 -29.62 -33.69 0.59
CA HIS C 357 -30.36 -32.53 0.11
C HIS C 357 -29.49 -31.58 -0.69
N VAL C 358 -28.62 -32.16 -1.52
CA VAL C 358 -27.71 -31.37 -2.34
C VAL C 358 -28.44 -30.45 -3.31
N ASP C 359 -29.63 -30.84 -3.76
CA ASP C 359 -30.26 -30.19 -4.89
C ASP C 359 -30.66 -28.75 -4.61
N ASN C 360 -30.58 -28.32 -3.34
CA ASN C 360 -30.99 -26.97 -2.97
C ASN C 360 -29.85 -25.96 -2.98
N LEU C 361 -28.62 -26.38 -3.29
CA LEU C 361 -27.44 -25.54 -3.16
C LEU C 361 -26.95 -25.04 -4.51
N ASP C 362 -27.86 -24.69 -5.40
CA ASP C 362 -27.49 -24.37 -6.78
C ASP C 362 -26.54 -23.19 -6.93
N PRO C 363 -26.77 -22.01 -6.28
CA PRO C 363 -26.07 -20.80 -6.73
C PRO C 363 -24.54 -20.90 -6.71
N LEU C 364 -23.98 -21.13 -5.53
CA LEU C 364 -22.52 -21.16 -5.38
C LEU C 364 -22.02 -22.31 -4.54
N GLN C 365 -22.85 -22.91 -3.69
CA GLN C 365 -22.37 -23.88 -2.71
C GLN C 365 -22.08 -25.22 -3.37
N VAL C 366 -22.72 -25.52 -4.50
CA VAL C 366 -22.43 -26.76 -5.20
C VAL C 366 -20.99 -26.76 -5.70
N PHE C 367 -20.47 -25.57 -6.03
CA PHE C 367 -19.08 -25.44 -6.49
C PHE C 367 -18.12 -26.02 -5.47
N TYR C 368 -18.08 -25.40 -4.29
CA TYR C 368 -17.14 -25.84 -3.28
C TYR C 368 -17.47 -27.23 -2.79
N TYR C 369 -18.77 -27.57 -2.75
CA TYR C 369 -19.14 -28.91 -2.34
C TYR C 369 -18.53 -29.97 -3.25
N VAL C 370 -18.71 -29.84 -4.55
CA VAL C 370 -18.16 -30.84 -5.46
C VAL C 370 -16.64 -30.80 -5.43
N ARG C 371 -16.05 -29.63 -5.15
CA ARG C 371 -14.60 -29.57 -5.05
C ARG C 371 -14.12 -30.44 -3.89
N CYS C 372 -14.72 -30.26 -2.71
CA CYS C 372 -14.40 -31.11 -1.58
C CYS C 372 -14.65 -32.58 -1.91
N LEU C 373 -15.69 -32.86 -2.68
CA LEU C 373 -16.02 -34.25 -2.98
C LEU C 373 -14.92 -34.88 -3.82
N GLN C 374 -14.47 -34.16 -4.86
CA GLN C 374 -13.36 -34.65 -5.67
C GLN C 374 -12.13 -34.85 -4.80
N LEU C 375 -11.88 -33.92 -3.88
CA LEU C 375 -10.71 -34.04 -3.02
C LEU C 375 -10.78 -35.30 -2.18
N LEU C 376 -11.95 -35.58 -1.61
CA LEU C 376 -12.12 -36.82 -0.86
C LEU C 376 -11.87 -38.03 -1.74
N GLY C 377 -12.38 -38.01 -2.96
CA GLY C 377 -12.18 -39.16 -3.84
C GLY C 377 -10.72 -39.41 -4.12
N HIS C 378 -9.97 -38.33 -4.38
CA HIS C 378 -8.54 -38.47 -4.61
C HIS C 378 -7.83 -39.01 -3.37
N MET C 379 -8.23 -38.55 -2.19
CA MET C 379 -7.64 -39.08 -0.97
C MET C 379 -7.94 -40.55 -0.80
N TYR C 380 -9.13 -41.00 -1.22
CA TYR C 380 -9.40 -42.43 -1.20
C TYR C 380 -8.49 -43.16 -2.17
N PHE C 381 -8.34 -42.64 -3.38
CA PHE C 381 -7.56 -43.37 -4.37
C PHE C 381 -6.08 -43.43 -3.98
N THR C 382 -5.58 -42.43 -3.28
CA THR C 382 -4.17 -42.42 -2.94
C THR C 382 -3.87 -43.32 -1.76
N GLY C 383 -4.64 -43.20 -0.69
CA GLY C 383 -4.37 -43.93 0.52
C GLY C 383 -3.78 -43.10 1.64
N GLU C 384 -3.80 -41.78 1.51
CA GLU C 384 -3.22 -40.91 2.51
C GLU C 384 -4.18 -40.76 3.68
N GLY C 385 -3.63 -40.75 4.89
CA GLY C 385 -4.45 -40.61 6.08
C GLY C 385 -5.30 -41.81 6.42
N SER C 386 -4.99 -42.98 5.88
CA SER C 386 -5.77 -44.19 6.10
C SER C 386 -4.85 -45.39 6.02
N SER C 387 -5.45 -46.58 5.86
CA SER C 387 -4.68 -47.80 5.86
C SER C 387 -4.25 -48.20 4.45
N LYS C 388 -5.21 -48.25 3.53
CA LYS C 388 -4.92 -48.65 2.15
C LYS C 388 -6.06 -48.11 1.29
N PRO C 389 -5.82 -47.98 -0.02
CA PRO C 389 -6.81 -47.32 -0.87
C PRO C 389 -8.12 -48.11 -0.95
N ASN C 390 -9.21 -47.36 -1.12
CA ASN C 390 -10.55 -47.90 -1.28
C ASN C 390 -10.97 -47.59 -2.72
N ILE C 391 -10.64 -48.52 -3.62
CA ILE C 391 -10.71 -48.22 -5.04
C ILE C 391 -12.14 -47.98 -5.49
N HIS C 392 -12.99 -49.00 -5.32
CA HIS C 392 -14.35 -48.93 -5.88
C HIS C 392 -15.13 -47.75 -5.31
N MET C 393 -15.06 -47.55 -3.99
CA MET C 393 -15.76 -46.42 -3.37
C MET C 393 -15.29 -45.12 -3.99
N ALA C 394 -13.99 -44.95 -4.16
CA ALA C 394 -13.46 -43.78 -4.85
C ALA C 394 -14.06 -43.66 -6.24
N GLU C 395 -14.17 -44.79 -6.96
CA GLU C 395 -14.70 -44.75 -8.31
C GLU C 395 -16.12 -44.20 -8.34
N GLU C 396 -17.00 -44.70 -7.46
CA GLU C 396 -18.35 -44.18 -7.42
C GLU C 396 -18.35 -42.72 -7.01
N ILE C 397 -17.51 -42.36 -6.04
CA ILE C 397 -17.46 -40.98 -5.57
C ILE C 397 -17.11 -40.05 -6.71
N LEU C 398 -16.13 -40.43 -7.52
CA LEU C 398 -15.70 -39.58 -8.62
C LEU C 398 -16.73 -39.53 -9.73
N THR C 399 -17.33 -40.68 -10.08
CA THR C 399 -18.31 -40.64 -11.16
C THR C 399 -19.52 -39.82 -10.75
N THR C 400 -19.91 -39.87 -9.48
CA THR C 400 -21.01 -39.03 -9.03
C THR C 400 -20.60 -37.56 -8.95
N SER C 401 -19.35 -37.29 -8.58
CA SER C 401 -18.84 -35.92 -8.61
C SER C 401 -18.94 -35.36 -10.03
N LEU C 402 -18.56 -36.17 -11.01
CA LEU C 402 -18.62 -35.75 -12.40
C LEU C 402 -20.08 -35.57 -12.83
N GLU C 403 -20.97 -36.43 -12.35
CA GLU C 403 -22.39 -36.30 -12.68
C GLU C 403 -22.95 -34.99 -12.16
N ILE C 404 -22.78 -34.74 -10.86
CA ILE C 404 -23.28 -33.50 -10.25
C ILE C 404 -22.62 -32.29 -10.90
N SER C 405 -21.39 -32.44 -11.40
CA SER C 405 -20.74 -31.32 -12.06
C SER C 405 -21.24 -31.11 -13.49
N ARG C 406 -21.76 -32.16 -14.14
CA ARG C 406 -22.24 -31.99 -15.51
C ARG C 406 -23.26 -30.86 -15.60
N ARG C 407 -24.21 -30.82 -14.67
CA ARG C 407 -24.99 -29.62 -14.45
C ARG C 407 -24.23 -28.70 -13.52
N ALA C 408 -24.50 -27.40 -13.62
CA ALA C 408 -23.72 -26.33 -13.00
C ALA C 408 -22.31 -26.25 -13.54
N GLN C 409 -21.99 -27.02 -14.58
CA GLN C 409 -20.76 -26.93 -15.38
C GLN C 409 -19.52 -26.62 -14.51
N GLY C 410 -19.33 -27.47 -13.50
CA GLY C 410 -18.18 -27.35 -12.65
C GLY C 410 -16.95 -27.97 -13.27
N PRO C 411 -15.78 -27.64 -12.70
CA PRO C 411 -14.52 -28.16 -13.24
C PRO C 411 -14.34 -29.64 -12.92
N ILE C 412 -13.66 -30.33 -13.83
CA ILE C 412 -13.64 -31.79 -13.82
C ILE C 412 -12.21 -32.33 -13.86
N GLY C 413 -11.23 -31.51 -13.51
CA GLY C 413 -9.85 -31.88 -13.78
C GLY C 413 -9.31 -33.06 -13.00
N ARG C 414 -9.07 -32.89 -11.71
CA ARG C 414 -8.50 -33.97 -10.92
C ARG C 414 -9.35 -35.23 -11.02
N ALA C 415 -10.67 -35.04 -11.11
CA ALA C 415 -11.57 -36.17 -11.17
C ALA C 415 -11.31 -37.01 -12.41
N CYS C 416 -11.33 -36.38 -13.58
CA CYS C 416 -11.11 -37.14 -14.80
C CYS C 416 -9.70 -37.72 -14.84
N ILE C 417 -8.72 -36.99 -14.32
CA ILE C 417 -7.35 -37.49 -14.32
C ILE C 417 -7.27 -38.80 -13.54
N ASP C 418 -7.88 -38.83 -12.36
CA ASP C 418 -7.81 -40.05 -11.56
C ASP C 418 -8.69 -41.14 -12.14
N LEU C 419 -9.82 -40.77 -12.76
CA LEU C 419 -10.58 -41.77 -13.50
C LEU C 419 -9.72 -42.46 -14.53
N GLY C 420 -8.94 -41.68 -15.28
CA GLY C 420 -8.08 -42.27 -16.28
C GLY C 420 -7.02 -43.14 -15.67
N LEU C 421 -6.35 -42.63 -14.63
CA LEU C 421 -5.32 -43.41 -13.97
C LEU C 421 -5.88 -44.74 -13.50
N ILE C 422 -7.13 -44.74 -13.03
CA ILE C 422 -7.74 -45.96 -12.52
C ILE C 422 -8.06 -46.91 -13.65
N ASN C 423 -8.88 -46.47 -14.60
CA ASN C 423 -9.27 -47.38 -15.66
C ASN C 423 -8.14 -47.68 -16.62
N GLN C 424 -6.94 -47.19 -16.36
CA GLN C 424 -5.78 -47.65 -17.10
C GLN C 424 -5.05 -48.79 -16.40
N TYR C 425 -4.97 -48.74 -15.07
CA TYR C 425 -4.26 -49.77 -14.33
C TYR C 425 -5.17 -50.61 -13.45
N ILE C 426 -6.12 -49.99 -12.74
CA ILE C 426 -7.01 -50.76 -11.89
C ILE C 426 -7.84 -51.73 -12.73
N THR C 427 -8.69 -51.18 -13.59
CA THR C 427 -9.32 -51.96 -14.64
C THR C 427 -8.62 -51.67 -15.96
N ASN C 428 -8.77 -52.60 -16.90
CA ASN C 428 -7.97 -52.58 -18.12
C ASN C 428 -8.75 -52.07 -19.33
N ASN C 429 -9.67 -51.14 -19.12
CA ASN C 429 -10.45 -50.58 -20.22
C ASN C 429 -9.82 -49.24 -20.60
N ILE C 430 -9.14 -49.22 -21.74
CA ILE C 430 -8.22 -48.15 -22.07
C ILE C 430 -8.92 -47.00 -22.79
N SER C 431 -9.83 -47.32 -23.72
CA SER C 431 -10.45 -46.27 -24.52
C SER C 431 -11.10 -45.21 -23.66
N GLN C 432 -11.72 -45.60 -22.55
CA GLN C 432 -12.27 -44.61 -21.64
C GLN C 432 -11.17 -43.75 -21.03
N ALA C 433 -10.02 -44.36 -20.74
CA ALA C 433 -8.91 -43.57 -20.21
C ALA C 433 -8.45 -42.53 -21.22
N ILE C 434 -8.29 -42.96 -22.47
CA ILE C 434 -8.00 -42.02 -23.54
C ILE C 434 -9.01 -40.89 -23.53
N SER C 435 -10.29 -41.25 -23.43
CA SER C 435 -11.35 -40.25 -23.45
C SER C 435 -11.17 -39.25 -22.32
N TYR C 436 -10.97 -39.74 -21.10
CA TYR C 436 -10.88 -38.86 -19.95
C TYR C 436 -9.68 -37.93 -20.07
N TYR C 437 -8.52 -38.48 -20.43
CA TYR C 437 -7.35 -37.63 -20.61
C TYR C 437 -7.64 -36.55 -21.65
N MET C 438 -8.21 -36.93 -22.79
CA MET C 438 -8.54 -35.93 -23.80
C MET C 438 -9.51 -34.91 -23.25
N LYS C 439 -10.40 -35.33 -22.35
CA LYS C 439 -11.33 -34.41 -21.73
C LYS C 439 -10.62 -33.39 -20.86
N ALA C 440 -9.64 -33.83 -20.08
CA ALA C 440 -9.02 -32.98 -19.08
C ALA C 440 -7.75 -32.30 -19.55
N MET C 441 -7.28 -32.62 -20.75
CA MET C 441 -5.99 -32.11 -21.20
C MET C 441 -5.92 -30.59 -21.08
N LYS C 442 -6.95 -29.90 -21.55
CA LYS C 442 -6.93 -28.44 -21.58
C LYS C 442 -7.26 -27.81 -20.25
N THR C 443 -7.69 -28.59 -19.26
CA THR C 443 -8.09 -27.97 -18.00
C THR C 443 -6.90 -27.32 -17.31
N GLN C 444 -7.20 -26.65 -16.22
CA GLN C 444 -6.18 -25.91 -15.48
C GLN C 444 -5.36 -26.80 -14.56
N ALA C 445 -6.00 -27.75 -13.88
CA ALA C 445 -5.33 -28.39 -12.76
C ALA C 445 -4.42 -29.53 -13.18
N ASN C 446 -4.35 -29.86 -14.46
CA ASN C 446 -3.41 -30.91 -14.85
C ASN C 446 -1.99 -30.39 -14.76
N ASN C 447 -1.12 -31.16 -14.14
CA ASN C 447 0.26 -30.73 -14.04
C ASN C 447 1.12 -31.46 -15.07
N GLY C 448 1.25 -32.78 -14.94
CA GLY C 448 1.95 -33.50 -15.96
C GLY C 448 1.43 -34.90 -16.24
N ILE C 449 0.49 -35.38 -15.43
CA ILE C 449 0.15 -36.79 -15.51
C ILE C 449 -0.44 -37.14 -16.86
N VAL C 450 -1.21 -36.22 -17.43
CA VAL C 450 -1.96 -36.53 -18.64
C VAL C 450 -1.04 -36.95 -19.77
N GLU C 451 -0.13 -36.06 -20.15
CA GLU C 451 0.73 -36.32 -21.29
C GLU C 451 1.68 -37.48 -21.00
N PHE C 452 2.16 -37.61 -19.78
CA PHE C 452 3.08 -38.70 -19.46
C PHE C 452 2.41 -40.03 -19.70
N GLN C 453 1.29 -40.27 -19.00
CA GLN C 453 0.58 -41.53 -19.20
C GLN C 453 0.21 -41.71 -20.66
N LEU C 454 -0.14 -40.62 -21.33
CA LEU C 454 -0.65 -40.74 -22.69
C LEU C 454 0.44 -41.20 -23.64
N SER C 455 1.65 -40.64 -23.48
CA SER C 455 2.75 -41.05 -24.36
C SER C 455 3.18 -42.46 -24.03
N LYS C 456 3.16 -42.84 -22.75
CA LYS C 456 3.46 -44.23 -22.43
C LYS C 456 2.46 -45.16 -23.10
N LEU C 457 1.20 -44.75 -23.15
CA LEU C 457 0.20 -45.50 -23.91
C LEU C 457 0.59 -45.60 -25.37
N ALA C 458 0.80 -44.45 -26.01
CA ALA C 458 1.07 -44.43 -27.44
C ALA C 458 2.28 -45.29 -27.80
N THR C 459 3.36 -45.21 -27.01
CA THR C 459 4.51 -46.06 -27.28
C THR C 459 4.20 -47.52 -26.98
N SER C 460 3.25 -47.78 -26.08
CA SER C 460 2.82 -49.16 -25.87
C SER C 460 1.78 -49.58 -26.89
N PHE C 461 0.94 -48.64 -27.34
CA PHE C 461 -0.09 -48.90 -28.34
C PHE C 461 0.05 -47.89 -29.47
N PRO C 462 0.69 -48.27 -30.58
CA PRO C 462 0.96 -47.28 -31.63
C PRO C 462 -0.23 -46.92 -32.51
N GLU C 463 -1.24 -47.78 -32.61
CA GLU C 463 -2.30 -47.56 -33.59
C GLU C 463 -3.40 -46.63 -33.10
N GLU C 464 -3.20 -45.93 -31.99
CA GLU C 464 -4.27 -45.11 -31.44
C GLU C 464 -4.38 -43.76 -32.13
N LYS C 465 -3.33 -43.32 -32.82
CA LYS C 465 -3.32 -42.02 -33.50
C LYS C 465 -3.49 -40.89 -32.49
N ILE C 466 -2.65 -40.90 -31.46
CA ILE C 466 -2.75 -39.93 -30.36
C ILE C 466 -1.43 -39.18 -30.21
N GLY C 467 -1.33 -38.02 -30.86
CA GLY C 467 -0.16 -37.17 -30.71
C GLY C 467 1.16 -37.84 -31.09
N ASP C 468 2.25 -37.23 -30.62
CA ASP C 468 3.59 -37.71 -30.87
C ASP C 468 4.37 -37.78 -29.57
N PRO C 469 5.15 -38.84 -29.35
CA PRO C 469 5.91 -38.97 -28.09
C PRO C 469 6.70 -37.73 -27.74
N PHE C 470 7.50 -37.23 -28.68
CA PHE C 470 8.40 -36.11 -28.38
C PHE C 470 7.61 -34.89 -27.91
N ASN C 471 6.57 -34.53 -28.65
CA ASN C 471 5.83 -33.31 -28.32
C ASN C 471 5.11 -33.43 -27.00
N LEU C 472 4.43 -34.55 -26.77
CA LEU C 472 3.77 -34.77 -25.50
C LEU C 472 4.76 -34.64 -24.36
N MET C 473 5.78 -35.50 -24.35
CA MET C 473 6.76 -35.48 -23.29
C MET C 473 7.39 -34.10 -23.13
N GLU C 474 7.54 -33.37 -24.23
CA GLU C 474 8.13 -32.05 -24.16
C GLU C 474 7.23 -31.11 -23.38
N THR C 475 5.95 -31.06 -23.75
CA THR C 475 5.03 -30.22 -23.01
C THR C 475 5.01 -30.62 -21.54
N ALA C 476 5.08 -31.92 -21.28
CA ALA C 476 5.11 -32.41 -19.91
C ALA C 476 6.29 -31.80 -19.16
N TYR C 477 7.50 -32.05 -19.66
CA TYR C 477 8.69 -31.46 -19.07
C TYR C 477 8.53 -29.97 -18.84
N LEU C 478 7.98 -29.26 -19.83
CA LEU C 478 7.79 -27.82 -19.66
C LEU C 478 6.86 -27.51 -18.50
N ASN C 479 5.87 -28.36 -18.25
CA ASN C 479 4.89 -28.03 -17.23
C ASN C 479 5.42 -28.25 -15.82
N GLY C 480 6.24 -29.27 -15.60
CA GLY C 480 6.91 -29.38 -14.31
C GLY C 480 6.78 -30.70 -13.59
N PHE C 481 6.13 -31.67 -14.21
CA PHE C 481 6.00 -33.01 -13.63
C PHE C 481 7.39 -33.61 -13.51
N ILE C 482 7.66 -34.26 -12.40
CA ILE C 482 9.03 -34.67 -12.11
C ILE C 482 9.47 -35.81 -13.03
N PRO C 483 8.91 -37.02 -12.95
CA PRO C 483 9.54 -38.14 -13.66
C PRO C 483 9.58 -37.93 -15.15
N ALA C 484 8.67 -37.10 -15.66
CA ALA C 484 8.69 -36.78 -17.07
C ALA C 484 10.00 -36.11 -17.46
N ILE C 485 10.58 -35.32 -16.57
CA ILE C 485 11.86 -34.71 -16.86
C ILE C 485 12.87 -35.77 -17.25
N TYR C 486 13.06 -36.76 -16.39
CA TYR C 486 14.06 -37.78 -16.64
C TYR C 486 13.70 -38.64 -17.85
N GLU C 487 12.43 -38.98 -18.02
CA GLU C 487 12.06 -39.76 -19.18
C GLU C 487 12.33 -39.00 -20.47
N PHE C 488 11.97 -37.73 -20.52
CA PHE C 488 12.23 -36.92 -21.70
C PHE C 488 13.72 -36.76 -21.96
N ALA C 489 14.51 -36.63 -20.89
CA ALA C 489 15.95 -36.49 -21.08
C ALA C 489 16.54 -37.76 -21.66
N VAL C 490 16.11 -38.92 -21.18
CA VAL C 490 16.56 -40.18 -21.77
C VAL C 490 16.14 -40.26 -23.23
N MET C 491 14.88 -39.93 -23.51
CA MET C 491 14.39 -39.98 -24.88
C MET C 491 15.18 -39.03 -25.77
N ILE C 492 15.71 -37.96 -25.21
CA ILE C 492 16.48 -37.03 -26.03
C ILE C 492 17.95 -37.43 -26.12
N GLU C 493 18.43 -38.26 -25.20
CA GLU C 493 19.82 -38.71 -25.30
C GLU C 493 20.00 -39.68 -26.46
N SER C 494 19.07 -40.61 -26.64
CA SER C 494 19.15 -41.52 -27.78
C SER C 494 19.02 -40.80 -29.11
N GLY C 495 18.23 -39.72 -29.15
CA GLY C 495 18.04 -38.97 -30.38
C GLY C 495 18.82 -37.67 -30.41
N ASN C 497 19.68 -36.79 -33.53
CA ASN C 497 20.31 -35.62 -32.91
C ASN C 497 19.31 -34.86 -32.06
N SER C 498 18.29 -34.28 -32.71
CA SER C 498 17.27 -33.48 -32.04
C SER C 498 17.90 -32.40 -31.16
N LYS C 499 18.98 -31.79 -31.66
CA LYS C 499 19.71 -30.74 -30.95
C LYS C 499 20.21 -31.26 -29.62
N SER C 500 21.03 -32.31 -29.65
CA SER C 500 21.51 -32.97 -28.44
C SER C 500 22.84 -32.37 -27.99
N SER C 501 22.87 -31.05 -27.87
CA SER C 501 24.06 -30.41 -27.34
C SER C 501 24.31 -30.88 -25.92
N VAL C 502 25.57 -30.82 -25.50
CA VAL C 502 25.91 -31.27 -24.15
C VAL C 502 25.26 -30.36 -23.12
N GLU C 503 25.07 -29.08 -23.46
CA GLU C 503 24.46 -28.16 -22.52
C GLU C 503 23.04 -28.57 -22.17
N ASN C 504 22.21 -28.87 -23.19
CA ASN C 504 20.82 -29.20 -22.90
C ASN C 504 20.71 -30.47 -22.08
N THR C 505 21.52 -31.48 -22.39
CA THR C 505 21.42 -32.73 -21.64
C THR C 505 21.87 -32.52 -20.21
N ALA C 506 22.99 -31.83 -20.02
CA ALA C 506 23.42 -31.53 -18.66
C ALA C 506 22.35 -30.74 -17.92
N TYR C 507 21.71 -29.79 -18.60
CA TYR C 507 20.72 -28.97 -17.93
C TYR C 507 19.51 -29.79 -17.51
N LEU C 508 19.00 -30.63 -18.41
CA LEU C 508 17.88 -31.49 -18.06
C LEU C 508 18.21 -32.34 -16.83
N PHE C 509 19.35 -33.03 -16.87
CA PHE C 509 19.65 -33.93 -15.77
C PHE C 509 19.90 -33.16 -14.49
N LYS C 510 20.49 -31.97 -14.58
CA LYS C 510 20.68 -31.19 -13.37
C LYS C 510 19.35 -30.74 -12.80
N THR C 511 18.41 -30.34 -13.66
CA THR C 511 17.11 -29.96 -13.15
C THR C 511 16.44 -31.12 -12.45
N PHE C 512 16.49 -32.31 -13.05
CA PHE C 512 15.86 -33.46 -12.39
C PHE C 512 16.49 -33.74 -11.05
N VAL C 513 17.82 -33.90 -11.02
CA VAL C 513 18.48 -34.19 -9.77
C VAL C 513 18.12 -33.15 -8.73
N ASP C 514 18.25 -31.87 -9.09
CA ASP C 514 17.87 -30.82 -8.16
C ASP C 514 16.45 -30.96 -7.66
N LYS C 515 15.52 -31.32 -8.54
CA LYS C 515 14.12 -31.10 -8.26
C LYS C 515 13.41 -32.31 -7.69
N ASN C 516 14.05 -33.47 -7.61
CA ASN C 516 13.35 -34.56 -6.92
C ASN C 516 13.37 -34.31 -5.42
N GLU C 517 14.50 -33.86 -4.90
CA GLU C 517 14.58 -33.14 -3.63
C GLU C 517 14.19 -33.97 -2.41
N ALA C 518 13.64 -35.15 -2.59
CA ALA C 518 13.10 -35.88 -1.45
C ALA C 518 14.13 -36.76 -0.77
N ILE C 519 15.18 -37.16 -1.47
CA ILE C 519 16.25 -37.96 -0.91
C ILE C 519 17.53 -37.16 -0.78
N MET C 520 17.81 -36.31 -1.77
CA MET C 520 19.04 -35.53 -1.73
C MET C 520 19.07 -34.56 -0.56
N ALA C 521 18.08 -33.68 -0.45
CA ALA C 521 18.19 -32.53 0.44
C ALA C 521 17.02 -32.47 1.42
N PRO C 522 16.94 -33.40 2.33
CA PRO C 522 15.93 -33.28 3.39
C PRO C 522 16.43 -32.34 4.47
N LYS C 523 17.74 -32.10 4.49
CA LYS C 523 18.33 -31.23 5.48
C LYS C 523 17.70 -29.85 5.53
N LEU C 524 17.03 -29.41 4.47
CA LEU C 524 16.31 -28.15 4.54
C LEU C 524 15.28 -28.18 5.67
N ARG C 525 14.56 -29.29 5.80
CA ARG C 525 13.57 -29.41 6.86
C ARG C 525 14.22 -29.26 8.22
N THR C 526 15.24 -30.08 8.49
CA THR C 526 15.97 -29.98 9.75
C THR C 526 16.42 -28.54 9.99
N ALA C 527 16.90 -27.88 8.94
CA ALA C 527 17.42 -26.54 9.09
C ALA C 527 16.32 -25.59 9.53
N PHE C 528 15.22 -25.53 8.77
CA PHE C 528 14.16 -24.60 9.11
C PHE C 528 13.63 -24.86 10.51
N ALA C 529 13.41 -26.13 10.83
CA ALA C 529 12.97 -26.48 12.17
C ALA C 529 13.91 -25.91 13.22
N ALA C 530 15.21 -26.21 13.10
CA ALA C 530 16.16 -25.66 14.05
C ALA C 530 16.13 -24.15 14.05
N LEU C 531 15.66 -23.55 12.97
CA LEU C 531 15.63 -22.09 12.93
C LEU C 531 14.49 -21.49 13.75
N ILE C 532 13.33 -22.13 13.79
CA ILE C 532 12.20 -21.45 14.40
C ILE C 532 12.23 -21.56 15.93
N ASN C 533 13.29 -22.09 16.52
CA ASN C 533 13.38 -22.11 17.97
C ASN C 533 14.73 -21.65 18.49
N ASP C 534 15.22 -20.52 17.99
CA ASP C 534 16.30 -19.71 18.54
C ASP C 534 17.69 -20.31 18.38
N ARG C 535 17.83 -21.53 17.90
CA ARG C 535 19.15 -22.06 17.57
C ARG C 535 19.50 -21.56 16.18
N SER C 536 20.00 -20.33 16.08
CA SER C 536 20.26 -19.74 14.79
C SER C 536 21.50 -20.28 14.12
N GLU C 537 22.59 -20.45 14.87
CA GLU C 537 23.84 -20.89 14.28
C GLU C 537 23.67 -22.16 13.47
N VAL C 538 23.11 -23.21 14.08
CA VAL C 538 22.99 -24.49 13.39
C VAL C 538 22.25 -24.32 12.07
N ALA C 539 21.33 -23.36 12.00
CA ALA C 539 20.68 -23.10 10.72
C ALA C 539 21.69 -22.62 9.70
N LEU C 540 22.59 -21.74 10.11
CA LEU C 540 23.66 -21.34 9.21
C LEU C 540 24.47 -22.53 8.77
N TRP C 541 24.75 -23.45 9.69
CA TRP C 541 25.55 -24.60 9.30
C TRP C 541 24.85 -25.44 8.25
N ALA C 542 23.60 -25.81 8.50
CA ALA C 542 22.90 -26.69 7.58
C ALA C 542 22.73 -26.01 6.22
N TYR C 543 22.28 -24.77 6.22
CA TYR C 543 22.17 -24.05 4.96
C TYR C 543 23.50 -23.95 4.26
N SER C 544 24.61 -23.88 5.00
CA SER C 544 25.91 -23.87 4.37
C SER C 544 26.17 -25.18 3.66
N GLN C 545 26.03 -26.29 4.39
CA GLN C 545 26.28 -27.59 3.78
C GLN C 545 25.42 -27.79 2.55
N LEU C 546 24.23 -27.20 2.53
CA LEU C 546 23.43 -27.22 1.32
C LEU C 546 23.93 -26.30 0.23
N ALA C 547 24.63 -25.22 0.60
CA ALA C 547 25.07 -24.29 -0.43
C ALA C 547 25.88 -25.04 -1.49
N GLU C 548 26.86 -25.83 -1.06
CA GLU C 548 27.77 -26.46 -2.00
C GLU C 548 27.05 -27.30 -3.03
N GLN C 549 25.95 -27.94 -2.67
CA GLN C 549 25.28 -28.79 -3.65
C GLN C 549 24.56 -27.99 -4.71
N GLY C 550 24.32 -26.70 -4.47
CA GLY C 550 23.83 -25.86 -5.54
C GLY C 550 22.41 -25.36 -5.39
N TYR C 551 21.71 -25.76 -4.35
CA TYR C 551 20.33 -25.34 -4.19
C TYR C 551 20.41 -23.86 -3.89
N GLU C 552 20.07 -23.02 -4.89
CA GLU C 552 20.24 -21.58 -4.76
C GLU C 552 19.64 -21.01 -3.49
N THR C 553 18.40 -21.41 -3.19
CA THR C 553 17.71 -20.90 -2.02
C THR C 553 18.56 -21.09 -0.78
N ALA C 554 19.25 -22.21 -0.68
CA ALA C 554 20.22 -22.34 0.38
C ALA C 554 21.27 -21.24 0.32
N GLN C 555 21.69 -20.85 -0.88
CA GLN C 555 22.77 -19.89 -0.98
C GLN C 555 22.34 -18.53 -0.49
N VAL C 556 21.24 -18.00 -1.05
CA VAL C 556 20.82 -16.69 -0.60
C VAL C 556 20.39 -16.72 0.85
N SER C 557 19.87 -17.84 1.33
CA SER C 557 19.50 -17.88 2.74
C SER C 557 20.71 -17.80 3.65
N ALA C 558 21.74 -18.61 3.39
CA ALA C 558 22.91 -18.58 4.24
C ALA C 558 23.56 -17.21 4.22
N ALA C 559 23.67 -16.62 3.04
CA ALA C 559 24.13 -15.26 2.97
C ALA C 559 23.32 -14.38 3.91
N TYR C 560 22.01 -14.27 3.67
CA TYR C 560 21.16 -13.39 4.46
C TYR C 560 21.34 -13.61 5.95
N LEU C 561 21.62 -14.84 6.34
CA LEU C 561 21.89 -15.09 7.74
C LEU C 561 23.26 -14.63 8.18
N MET C 562 24.18 -14.37 7.26
CA MET C 562 25.47 -13.91 7.71
C MET C 562 25.66 -12.40 7.64
N TYR C 563 25.06 -11.70 6.69
CA TYR C 563 25.22 -10.25 6.60
C TYR C 563 24.04 -9.63 5.88
N GLN C 564 23.23 -8.90 6.62
CA GLN C 564 22.05 -8.26 6.06
C GLN C 564 22.40 -6.82 5.72
N LEU C 565 21.55 -6.20 4.92
CA LEU C 565 21.75 -4.80 4.61
C LEU C 565 21.37 -3.94 5.82
N PRO C 566 22.21 -2.99 6.22
CA PRO C 566 21.93 -2.21 7.43
C PRO C 566 20.98 -1.07 7.16
N TYR C 567 20.11 -0.82 8.14
CA TYR C 567 19.23 0.34 8.07
C TYR C 567 20.05 1.61 8.09
N GLU C 568 19.51 2.65 7.45
CA GLU C 568 20.29 3.83 7.21
C GLU C 568 20.46 4.64 8.49
N PHE C 569 21.48 5.50 8.50
CA PHE C 569 21.86 6.26 9.69
C PHE C 569 22.14 5.33 10.85
N GLU C 570 22.82 4.22 10.56
CA GLU C 570 23.08 3.21 11.57
C GLU C 570 24.39 2.50 11.27
N ASP C 571 25.05 2.05 12.33
CA ASP C 571 26.32 1.40 12.20
C ASP C 571 26.20 0.16 11.33
N PRO C 572 27.26 -0.21 10.63
CA PRO C 572 27.27 -1.49 9.93
C PRO C 572 27.38 -2.64 10.91
N PRO C 573 27.15 -3.87 10.48
CA PRO C 573 27.30 -5.01 11.40
C PRO C 573 28.71 -5.09 11.96
N ARG C 574 28.85 -5.89 13.01
CA ARG C 574 30.13 -6.04 13.70
C ARG C 574 30.72 -7.42 13.56
N THR C 575 30.41 -8.11 12.46
CA THR C 575 30.86 -9.48 12.28
C THR C 575 32.34 -9.53 11.89
N THR C 576 32.96 -10.67 12.16
CA THR C 576 34.34 -10.88 11.73
C THR C 576 34.41 -10.90 10.22
N ASP C 577 35.54 -10.42 9.69
CA ASP C 577 35.64 -10.22 8.25
C ASP C 577 35.54 -11.52 7.49
N GLN C 578 35.99 -12.62 8.11
CA GLN C 578 35.89 -13.92 7.46
C GLN C 578 34.46 -14.22 7.04
N ARG C 579 33.51 -13.96 7.93
CA ARG C 579 32.11 -14.14 7.59
C ARG C 579 31.75 -13.35 6.35
N LYS C 580 32.24 -12.12 6.25
CA LYS C 580 31.91 -11.30 5.09
C LYS C 580 32.53 -11.88 3.82
N THR C 581 33.78 -12.33 3.91
CA THR C 581 34.45 -12.84 2.72
C THR C 581 33.84 -14.15 2.26
N LEU C 582 33.09 -14.83 3.12
CA LEU C 582 32.28 -15.93 2.65
C LEU C 582 30.97 -15.45 2.05
N ALA C 583 30.26 -14.58 2.77
CA ALA C 583 28.96 -14.12 2.33
C ALA C 583 29.01 -13.55 0.93
N ILE C 584 30.04 -12.79 0.62
CA ILE C 584 30.17 -12.25 -0.72
C ILE C 584 30.20 -13.38 -1.74
N SER C 585 30.91 -14.46 -1.45
CA SER C 585 31.03 -15.54 -2.41
C SER C 585 29.70 -16.25 -2.61
N TYR C 586 28.98 -16.49 -1.52
CA TYR C 586 27.67 -17.13 -1.67
C TYR C 586 26.76 -16.25 -2.50
N TYR C 587 26.66 -14.97 -2.16
CA TYR C 587 25.80 -14.07 -2.93
C TYR C 587 26.16 -14.08 -4.40
N THR C 588 27.46 -13.98 -4.71
CA THR C 588 27.87 -13.91 -6.10
C THR C 588 27.49 -15.17 -6.86
N ARG C 589 27.72 -16.32 -6.24
CA ARG C 589 27.32 -17.54 -6.92
C ARG C 589 25.82 -17.57 -7.12
N ALA C 590 25.08 -17.05 -6.16
CA ALA C 590 23.64 -16.95 -6.32
C ALA C 590 23.30 -16.12 -7.54
N PHE C 591 24.03 -15.03 -7.72
CA PHE C 591 23.81 -14.19 -8.90
C PHE C 591 24.00 -14.99 -10.17
N LYS C 592 25.21 -15.52 -10.35
CA LYS C 592 25.52 -16.24 -11.58
C LYS C 592 24.57 -17.41 -11.79
N GLN C 593 23.87 -17.86 -10.75
CA GLN C 593 22.89 -18.91 -10.94
C GLN C 593 21.63 -18.44 -11.65
N GLY C 594 21.25 -17.17 -11.48
CA GLY C 594 20.01 -16.74 -12.09
C GLY C 594 19.23 -15.74 -11.28
N ASN C 595 19.68 -15.45 -10.08
CA ASN C 595 19.08 -14.41 -9.26
C ASN C 595 19.66 -13.05 -9.65
N ILE C 596 18.96 -11.98 -9.31
CA ILE C 596 19.42 -10.65 -9.67
C ILE C 596 19.85 -9.85 -8.46
N ASP C 597 18.91 -9.63 -7.53
CA ASP C 597 19.16 -8.75 -6.40
C ASP C 597 20.44 -9.10 -5.64
N ALA C 598 20.75 -10.39 -5.54
CA ALA C 598 21.98 -10.77 -4.87
C ALA C 598 23.17 -10.03 -5.42
N GLY C 599 23.18 -9.75 -6.72
CA GLY C 599 24.22 -8.91 -7.26
C GLY C 599 24.30 -7.57 -6.55
N VAL C 600 23.14 -6.93 -6.39
CA VAL C 600 23.12 -5.60 -5.78
C VAL C 600 23.63 -5.67 -4.36
N VAL C 601 23.22 -6.69 -3.61
CA VAL C 601 23.68 -6.78 -2.24
C VAL C 601 25.17 -7.04 -2.19
N ALA C 602 25.68 -7.84 -3.12
CA ALA C 602 27.12 -8.09 -3.16
C ALA C 602 27.88 -6.80 -3.44
N GLY C 603 27.39 -6.05 -4.42
CA GLY C 603 28.00 -4.77 -4.71
C GLY C 603 28.00 -3.87 -3.51
N ASP C 604 26.91 -3.88 -2.74
CA ASP C 604 26.90 -3.05 -1.56
C ASP C 604 27.91 -3.53 -0.52
N ILE C 605 28.07 -4.85 -0.39
CA ILE C 605 29.07 -5.35 0.56
C ILE C 605 30.45 -4.85 0.19
N TYR C 606 30.80 -4.98 -1.09
CA TYR C 606 32.06 -4.42 -1.56
C TYR C 606 32.17 -2.94 -1.23
N PHE C 607 31.25 -2.14 -1.79
CA PHE C 607 31.26 -0.70 -1.59
C PHE C 607 31.40 -0.34 -0.12
N GLN C 608 30.89 -1.18 0.77
CA GLN C 608 31.12 -0.94 2.19
C GLN C 608 32.54 -1.30 2.59
N MET C 609 33.03 -2.46 2.16
CA MET C 609 34.39 -2.86 2.46
C MET C 609 35.41 -2.07 1.66
N GLN C 610 34.95 -1.09 0.88
CA GLN C 610 35.83 -0.15 0.18
C GLN C 610 36.69 -0.81 -0.89
N ASN C 611 36.07 -1.42 -1.89
CA ASN C 611 36.78 -1.80 -3.09
C ASN C 611 36.53 -0.80 -4.22
N TYR C 612 35.26 -0.48 -4.47
CA TYR C 612 34.83 0.54 -5.43
C TYR C 612 35.09 0.11 -6.86
N SER C 613 35.83 -0.99 -7.05
CA SER C 613 36.31 -1.34 -8.38
C SER C 613 35.56 -2.52 -8.97
N LYS C 614 35.55 -3.65 -8.27
CA LYS C 614 34.80 -4.79 -8.75
C LYS C 614 33.30 -4.54 -8.72
N ALA C 615 32.85 -3.58 -7.92
CA ALA C 615 31.43 -3.30 -7.83
C ALA C 615 30.85 -3.02 -9.20
N MET C 616 31.52 -2.15 -9.96
CA MET C 616 30.98 -1.73 -11.25
C MET C 616 30.61 -2.91 -12.13
N ALA C 617 31.41 -3.97 -12.11
CA ALA C 617 31.11 -5.13 -12.94
C ALA C 617 29.75 -5.71 -12.58
N LEU C 618 29.56 -6.03 -11.30
CA LEU C 618 28.28 -6.57 -10.86
C LEU C 618 27.15 -5.61 -11.18
N TYR C 619 27.35 -4.33 -10.88
CA TYR C 619 26.28 -3.37 -11.09
C TYR C 619 25.89 -3.32 -12.56
N GLN C 620 26.88 -3.31 -13.45
CA GLN C 620 26.59 -3.23 -14.88
C GLN C 620 25.92 -4.51 -15.37
N GLY C 621 26.40 -5.65 -14.89
CA GLY C 621 25.75 -6.91 -15.24
C GLY C 621 24.32 -6.95 -14.77
N ALA C 622 24.02 -6.31 -13.66
CA ALA C 622 22.65 -6.23 -13.18
C ALA C 622 21.83 -5.25 -14.00
N ALA C 623 22.43 -4.11 -14.34
CA ALA C 623 21.78 -3.15 -15.22
C ALA C 623 21.37 -3.82 -16.51
N LEU C 624 22.25 -4.64 -17.07
CA LEU C 624 21.92 -5.41 -18.25
C LEU C 624 20.69 -6.27 -18.03
N LYS C 625 20.35 -6.57 -16.77
CA LYS C 625 19.15 -7.32 -16.44
C LYS C 625 18.09 -6.46 -15.77
N TYR C 626 18.20 -5.13 -15.89
CA TYR C 626 17.12 -4.21 -15.53
C TYR C 626 16.81 -4.22 -14.03
N SER C 627 17.81 -3.92 -13.22
CA SER C 627 17.65 -3.77 -11.78
C SER C 627 17.76 -2.30 -11.40
N ILE C 628 16.65 -1.73 -10.93
CA ILE C 628 16.54 -0.28 -10.79
C ILE C 628 17.53 0.26 -9.76
N GLN C 629 17.37 -0.17 -8.51
CA GLN C 629 18.33 0.19 -7.47
C GLN C 629 19.76 0.04 -7.94
N ALA C 630 20.03 -0.95 -8.79
CA ALA C 630 21.37 -1.10 -9.33
C ALA C 630 21.74 0.09 -10.21
N ILE C 631 20.90 0.42 -11.18
CA ILE C 631 21.20 1.48 -12.13
C ILE C 631 21.42 2.78 -11.39
N TRP C 632 20.44 3.14 -10.57
CA TRP C 632 20.59 4.33 -9.74
C TRP C 632 21.88 4.29 -8.95
N ASN C 633 22.22 3.14 -8.37
CA ASN C 633 23.43 3.08 -7.59
C ASN C 633 24.64 3.30 -8.46
N LEU C 634 24.59 2.82 -9.69
CA LEU C 634 25.68 3.05 -10.62
C LEU C 634 25.83 4.54 -10.88
N GLY C 635 24.71 5.21 -11.02
CA GLY C 635 24.71 6.64 -11.20
C GLY C 635 25.46 7.27 -10.05
N TYR C 636 24.95 7.07 -8.83
CA TYR C 636 25.62 7.62 -7.66
C TYR C 636 27.09 7.27 -7.65
N MET C 637 27.46 6.13 -8.23
CA MET C 637 28.87 5.78 -8.29
C MET C 637 29.61 6.74 -9.21
N HIS C 638 29.09 6.96 -10.41
CA HIS C 638 29.73 7.85 -11.36
C HIS C 638 29.87 9.25 -10.79
N GLU C 639 28.75 9.90 -10.49
CA GLU C 639 28.78 11.31 -10.11
C GLU C 639 29.56 11.56 -8.83
N HIS C 640 30.08 10.53 -8.18
CA HIS C 640 31.04 10.75 -7.10
C HIS C 640 32.40 10.19 -7.49
N GLY C 641 33.41 10.65 -6.77
CA GLY C 641 34.78 10.51 -7.25
C GLY C 641 35.31 9.08 -7.24
N LEU C 642 34.57 8.15 -6.66
CA LEU C 642 35.06 6.78 -6.59
C LEU C 642 35.13 6.15 -7.98
N GLY C 643 36.17 5.33 -8.18
CA GLY C 643 36.34 4.63 -9.42
C GLY C 643 36.40 5.57 -10.61
N VAL C 644 35.30 5.63 -11.36
CA VAL C 644 35.14 6.60 -12.44
C VAL C 644 35.28 8.01 -11.89
N ASN C 645 35.61 8.96 -12.75
CA ASN C 645 35.98 10.31 -12.32
C ASN C 645 35.01 11.35 -12.88
N ARG C 646 33.94 11.62 -12.14
CA ARG C 646 33.16 12.85 -12.28
C ARG C 646 32.68 13.04 -13.72
N ASP C 647 32.16 11.98 -14.34
CA ASP C 647 31.57 12.08 -15.67
C ASP C 647 30.10 12.46 -15.48
N PHE C 648 29.90 13.75 -15.17
CA PHE C 648 28.57 14.22 -14.83
C PHE C 648 27.57 13.97 -15.95
N HIS C 649 28.02 13.94 -17.20
CA HIS C 649 27.10 13.70 -18.30
C HIS C 649 26.49 12.31 -18.22
N LEU C 650 27.33 11.28 -18.15
CA LEU C 650 26.78 9.93 -18.06
C LEU C 650 25.99 9.74 -16.77
N ALA C 651 26.33 10.47 -15.72
CA ALA C 651 25.51 10.44 -14.52
C ALA C 651 24.09 10.88 -14.83
N LYS C 652 23.95 12.05 -15.43
CA LYS C 652 22.62 12.50 -15.84
C LYS C 652 21.95 11.46 -16.71
N ARG C 653 22.72 10.84 -17.60
CA ARG C 653 22.15 9.84 -18.50
C ARG C 653 21.56 8.69 -17.70
N TYR C 654 22.29 8.23 -16.68
CA TYR C 654 21.82 7.09 -15.91
C TYR C 654 20.56 7.43 -15.15
N TYR C 655 20.49 8.63 -14.56
CA TYR C 655 19.27 8.92 -13.82
C TYR C 655 18.09 9.09 -14.78
N ASP C 656 18.35 9.64 -15.96
CA ASP C 656 17.32 9.64 -16.98
C ASP C 656 16.85 8.22 -17.25
N GLN C 657 17.79 7.28 -17.26
CA GLN C 657 17.42 5.88 -17.44
C GLN C 657 16.48 5.41 -16.33
N VAL C 658 16.84 5.69 -15.08
CA VAL C 658 16.06 5.14 -13.98
C VAL C 658 14.65 5.69 -14.02
N SER C 659 14.50 6.93 -14.48
CA SER C 659 13.16 7.46 -14.67
C SER C 659 12.48 6.87 -15.89
N GLU C 660 13.23 6.46 -16.91
CA GLU C 660 12.60 6.02 -18.14
C GLU C 660 12.09 4.59 -18.03
N HIS C 661 12.91 3.70 -17.49
CA HIS C 661 12.60 2.27 -17.50
C HIS C 661 11.40 1.97 -16.61
N ASP C 662 11.22 2.72 -15.53
CA ASP C 662 10.08 2.57 -14.65
C ASP C 662 9.56 3.93 -14.22
N HIS C 663 8.36 3.95 -13.63
CA HIS C 663 7.65 5.20 -13.39
C HIS C 663 7.75 5.67 -11.95
N ARG C 664 7.38 4.82 -10.99
CA ARG C 664 7.22 5.28 -9.62
C ARG C 664 8.47 5.95 -9.05
N PHE C 665 9.62 5.76 -9.66
CA PHE C 665 10.83 6.40 -9.18
C PHE C 665 11.06 7.77 -9.80
N TYR C 666 10.03 8.31 -10.43
CA TYR C 666 10.08 9.60 -11.12
C TYR C 666 10.71 10.67 -10.22
N LEU C 667 10.09 10.92 -9.07
CA LEU C 667 10.58 11.93 -8.15
C LEU C 667 12.07 11.78 -7.86
N ALA C 668 12.53 10.54 -7.70
CA ALA C 668 13.90 10.32 -7.26
C ALA C 668 14.90 10.67 -8.34
N SER C 669 14.67 10.18 -9.56
CA SER C 669 15.46 10.62 -10.70
C SER C 669 15.49 12.14 -10.76
N LYS C 670 14.31 12.76 -10.73
CA LYS C 670 14.25 14.20 -10.86
C LYS C 670 15.09 14.87 -9.79
N LEU C 671 14.75 14.65 -8.52
CA LEU C 671 15.43 15.32 -7.42
C LEU C 671 16.93 15.03 -7.44
N SER C 672 17.33 13.87 -7.95
CA SER C 672 18.76 13.63 -7.97
C SER C 672 19.43 14.43 -9.08
N VAL C 673 18.82 14.50 -10.26
CA VAL C 673 19.35 15.40 -11.29
C VAL C 673 19.39 16.81 -10.73
N LEU C 674 18.44 17.14 -9.85
CA LEU C 674 18.43 18.46 -9.26
C LEU C 674 19.63 18.67 -8.36
N LYS C 675 19.98 17.66 -7.55
CA LYS C 675 21.19 17.77 -6.75
C LYS C 675 22.40 17.92 -7.64
N LEU C 676 22.39 17.24 -8.78
CA LEU C 676 23.47 17.40 -9.74
C LEU C 676 23.55 18.84 -10.22
N HIS C 677 22.43 19.37 -10.72
CA HIS C 677 22.39 20.73 -11.22
C HIS C 677 22.86 21.71 -10.16
N LEU C 678 22.50 21.45 -8.91
CA LEU C 678 22.86 22.39 -7.85
C LEU C 678 24.35 22.36 -7.61
N LYS C 679 24.94 21.17 -7.48
CA LYS C 679 26.39 21.08 -7.36
C LYS C 679 27.06 21.87 -8.47
N SER C 680 26.58 21.68 -9.70
CA SER C 680 27.23 22.33 -10.84
C SER C 680 27.11 23.85 -10.75
N TRP C 681 25.88 24.37 -10.65
CA TRP C 681 25.69 25.82 -10.69
C TRP C 681 26.33 26.49 -9.48
N LEU C 682 26.49 25.77 -8.37
CA LEU C 682 27.16 26.36 -7.24
C LEU C 682 28.66 26.39 -7.37
N THR C 683 29.27 25.35 -7.93
CA THR C 683 30.72 25.46 -8.13
C THR C 683 31.05 26.39 -9.28
N TRP C 684 30.08 26.61 -10.19
CA TRP C 684 30.25 27.60 -11.25
C TRP C 684 30.58 28.98 -10.70
N ILE C 685 30.04 29.31 -9.53
CA ILE C 685 30.29 30.61 -8.93
C ILE C 685 31.71 30.72 -8.39
N THR C 686 32.45 29.62 -8.37
CA THR C 686 33.84 29.68 -7.96
C THR C 686 34.69 28.68 -8.72
N MET D 1 -8.10 41.53 6.35
CA MET D 1 -6.69 41.20 6.30
C MET D 1 -6.31 40.23 7.41
N VAL D 2 -5.45 40.70 8.31
CA VAL D 2 -4.90 39.87 9.38
C VAL D 2 -5.33 40.48 10.73
N PRO D 3 -6.24 39.84 11.46
CA PRO D 3 -6.39 40.15 12.88
C PRO D 3 -5.30 39.48 13.71
N GLU D 4 -5.25 39.87 14.98
CA GLU D 4 -4.22 39.36 15.87
C GLU D 4 -4.30 37.84 16.04
N ASN D 5 -5.46 37.35 16.46
CA ASN D 5 -5.60 35.91 16.67
C ASN D 5 -5.45 35.16 15.35
N ARG D 6 -5.81 35.78 14.23
CA ARG D 6 -5.56 35.13 12.94
C ARG D 6 -4.07 35.02 12.67
N ARG D 7 -3.30 36.06 13.00
CA ARG D 7 -1.84 35.96 12.87
C ARG D 7 -1.28 34.84 13.71
N LYS D 8 -1.81 34.67 14.93
CA LYS D 8 -1.29 33.58 15.77
C LYS D 8 -1.76 32.22 15.25
N GLN D 9 -2.98 32.14 14.72
CA GLN D 9 -3.40 30.93 14.04
C GLN D 9 -2.45 30.55 12.93
N LEU D 10 -1.97 31.54 12.18
CA LEU D 10 -1.10 31.20 11.06
C LEU D 10 0.30 30.84 11.53
N ALA D 11 0.79 31.46 12.59
CA ALA D 11 2.03 30.98 13.20
C ALA D 11 1.88 29.52 13.63
N ILE D 12 0.72 29.17 14.21
CA ILE D 12 0.48 27.80 14.63
C ILE D 12 0.46 26.86 13.44
N PHE D 13 -0.30 27.21 12.40
CA PHE D 13 -0.34 26.40 11.19
C PHE D 13 1.06 26.16 10.65
N VAL D 14 1.86 27.21 10.54
CA VAL D 14 3.22 27.08 10.03
C VAL D 14 4.01 26.10 10.89
N VAL D 15 4.00 26.30 12.21
CA VAL D 15 4.90 25.48 13.00
C VAL D 15 4.44 24.03 13.03
N VAL D 16 3.13 23.78 13.07
CA VAL D 16 2.67 22.41 13.13
C VAL D 16 2.97 21.70 11.81
N THR D 17 2.88 22.41 10.69
CA THR D 17 3.21 21.76 9.43
C THR D 17 4.71 21.48 9.32
N TYR D 18 5.56 22.41 9.78
CA TYR D 18 6.97 22.07 9.80
C TYR D 18 7.23 20.83 10.63
N LEU D 19 6.60 20.73 11.80
CA LEU D 19 6.88 19.59 12.66
C LEU D 19 6.35 18.30 12.05
N LEU D 20 5.15 18.33 11.48
CA LEU D 20 4.64 17.15 10.80
C LEU D 20 5.52 16.69 9.66
N THR D 21 5.94 17.62 8.79
CA THR D 21 6.72 17.17 7.65
C THR D 21 8.08 16.66 8.10
N PHE D 22 8.69 17.31 9.09
CA PHE D 22 9.96 16.80 9.60
C PHE D 22 9.78 15.39 10.15
N TYR D 23 8.73 15.18 10.93
CA TYR D 23 8.51 13.86 11.50
C TYR D 23 8.33 12.83 10.40
N CYS D 24 7.55 13.16 9.36
CA CYS D 24 7.33 12.16 8.32
C CYS D 24 8.60 11.82 7.58
N VAL D 25 9.43 12.83 7.29
CA VAL D 25 10.71 12.55 6.64
C VAL D 25 11.53 11.61 7.51
N TYR D 26 11.65 11.92 8.79
CA TYR D 26 12.49 11.10 9.64
C TYR D 26 11.96 9.68 9.78
N SER D 27 10.64 9.55 9.95
CA SER D 27 10.06 8.23 10.05
C SER D 27 10.34 7.43 8.80
N ALA D 28 9.96 7.96 7.64
CA ALA D 28 10.19 7.20 6.42
C ALA D 28 11.68 6.97 6.17
N THR D 29 12.55 7.72 6.84
CA THR D 29 13.97 7.42 6.75
C THR D 29 14.32 6.17 7.55
N LYS D 30 14.09 6.21 8.86
CA LYS D 30 14.70 5.17 9.71
C LYS D 30 14.06 3.81 9.49
N THR D 31 13.07 3.71 8.63
CA THR D 31 12.61 2.41 8.17
C THR D 31 12.92 2.15 6.71
N SER D 32 14.12 2.49 6.24
CA SER D 32 14.47 2.25 4.85
C SER D 32 15.93 1.88 4.73
N VAL D 33 16.30 1.42 3.53
CA VAL D 33 17.62 0.90 3.23
C VAL D 33 18.42 1.88 2.40
N SER D 34 17.85 2.30 1.28
CA SER D 34 18.52 3.18 0.33
C SER D 34 17.57 4.29 -0.08
N PHE D 35 18.15 5.39 -0.55
CA PHE D 35 17.42 6.60 -0.93
C PHE D 35 16.19 6.25 -1.73
N LEU D 36 16.35 5.35 -2.71
CA LEU D 36 15.26 5.13 -3.64
C LEU D 36 14.02 4.63 -2.92
N GLN D 37 14.20 3.84 -1.86
CA GLN D 37 13.03 3.40 -1.13
C GLN D 37 12.34 4.55 -0.44
N VAL D 38 13.09 5.43 0.22
CA VAL D 38 12.44 6.52 0.93
C VAL D 38 11.72 7.41 -0.05
N THR D 39 12.24 7.53 -1.27
CA THR D 39 11.50 8.26 -2.29
C THR D 39 10.20 7.54 -2.61
N LEU D 40 10.23 6.22 -2.68
CA LEU D 40 8.97 5.51 -2.94
C LEU D 40 8.05 5.55 -1.74
N LYS D 41 8.57 5.93 -0.58
CA LYS D 41 7.76 5.95 0.63
C LYS D 41 7.06 7.28 0.85
N LEU D 42 7.75 8.39 0.58
CA LEU D 42 7.10 9.69 0.74
C LEU D 42 5.88 9.81 -0.14
N ASN D 43 5.88 9.10 -1.27
CA ASN D 43 4.72 9.12 -2.15
C ASN D 43 3.51 8.41 -1.56
N GLU D 44 3.64 7.79 -0.39
CA GLU D 44 2.50 7.14 0.25
C GLU D 44 1.49 8.18 0.73
N GLY D 45 0.22 7.77 0.82
CA GLY D 45 -0.89 8.66 1.03
C GLY D 45 -0.74 9.76 2.07
N PHE D 46 -0.62 9.39 3.35
CA PHE D 46 -0.66 10.42 4.40
C PHE D 46 0.52 11.36 4.29
N ASN D 47 1.73 10.82 4.19
CA ASN D 47 2.87 11.69 4.06
C ASN D 47 2.82 12.47 2.77
N LEU D 48 2.14 11.93 1.75
CA LEU D 48 1.92 12.73 0.54
C LEU D 48 1.10 13.97 0.86
N MET D 49 0.04 13.82 1.65
CA MET D 49 -0.76 14.98 2.02
C MET D 49 0.06 15.97 2.83
N VAL D 50 0.81 15.48 3.80
CA VAL D 50 1.63 16.41 4.60
C VAL D 50 2.60 17.15 3.72
N LEU D 51 3.30 16.44 2.84
CA LEU D 51 4.29 17.09 1.99
C LEU D 51 3.62 18.09 1.05
N SER D 52 2.48 17.73 0.47
CA SER D 52 1.78 18.64 -0.41
C SER D 52 1.44 19.94 0.30
N ILE D 53 0.91 19.83 1.52
CA ILE D 53 0.55 21.02 2.28
C ILE D 53 1.80 21.83 2.59
N PHE D 54 2.91 21.14 2.87
CA PHE D 54 4.16 21.86 3.09
C PHE D 54 4.55 22.67 1.87
N ILE D 55 4.43 22.06 0.70
CA ILE D 55 4.77 22.74 -0.54
C ILE D 55 3.90 23.98 -0.70
N LEU D 56 2.58 23.84 -0.52
CA LEU D 56 1.71 24.99 -0.68
C LEU D 56 2.04 26.10 0.30
N LEU D 57 2.34 25.73 1.55
CA LEU D 57 2.62 26.76 2.54
C LEU D 57 3.87 27.54 2.20
N ASN D 58 4.96 26.84 1.90
CA ASN D 58 6.16 27.59 1.55
C ASN D 58 5.97 28.35 0.23
N SER D 59 5.12 27.84 -0.65
CA SER D 59 4.85 28.55 -1.90
C SER D 59 4.18 29.89 -1.63
N THR D 60 3.13 29.89 -0.82
CA THR D 60 2.46 31.14 -0.52
C THR D 60 3.35 32.08 0.25
N LEU D 61 4.20 31.57 1.14
CA LEU D 61 5.16 32.45 1.79
C LEU D 61 6.07 33.12 0.77
N LEU D 62 6.62 32.34 -0.16
CA LEU D 62 7.46 32.92 -1.19
C LEU D 62 6.70 33.96 -1.99
N TRP D 63 5.46 33.64 -2.34
CA TRP D 63 4.60 34.59 -3.05
C TRP D 63 4.44 35.88 -2.27
N GLN D 64 4.24 35.78 -0.97
CA GLN D 64 4.11 36.95 -0.11
C GLN D 64 5.34 37.83 -0.21
N LEU D 65 6.51 37.23 -0.08
CA LEU D 65 7.72 38.05 -0.12
C LEU D 65 7.98 38.61 -1.51
N LEU D 66 7.69 37.84 -2.55
CA LEU D 66 7.86 38.36 -3.90
C LEU D 66 6.97 39.58 -4.10
N THR D 67 5.73 39.50 -3.60
CA THR D 67 4.83 40.65 -3.71
C THR D 67 5.35 41.83 -2.93
N LYS D 68 5.71 41.62 -1.66
CA LYS D 68 6.25 42.72 -0.87
C LYS D 68 7.49 43.31 -1.50
N LEU D 69 8.19 42.55 -2.35
CA LEU D 69 9.31 43.12 -3.09
C LEU D 69 8.82 43.95 -4.27
N LEU D 70 7.78 43.47 -4.96
CA LEU D 70 7.31 44.14 -6.17
C LEU D 70 6.50 45.38 -5.85
N PHE D 71 5.39 45.22 -5.14
CA PHE D 71 4.40 46.27 -4.96
C PHE D 71 4.57 47.02 -3.64
N GLY D 72 5.66 46.80 -2.92
CA GLY D 72 5.79 47.42 -1.62
C GLY D 72 4.70 46.94 -0.68
N GLU D 73 3.73 47.80 -0.40
CA GLU D 73 2.62 47.49 0.50
C GLU D 73 1.30 47.77 -0.20
N LEU D 74 0.26 47.08 0.24
CA LEU D 74 -1.06 47.22 -0.36
C LEU D 74 -1.90 48.27 0.35
N ARG D 75 -2.89 48.80 -0.38
CA ARG D 75 -3.85 49.73 0.20
C ARG D 75 -5.16 49.02 0.49
N LEU D 76 -5.99 49.66 1.32
CA LEU D 76 -7.25 49.04 1.72
C LEU D 76 -8.14 48.64 0.56
N ILE D 77 -8.57 49.60 -0.27
CA ILE D 77 -9.58 49.33 -1.30
C ILE D 77 -9.08 48.19 -2.16
N GLU D 78 -7.78 48.19 -2.44
CA GLU D 78 -7.16 47.04 -3.07
C GLU D 78 -7.50 45.75 -2.34
N HIS D 79 -7.23 45.71 -1.04
CA HIS D 79 -7.39 44.48 -0.28
C HIS D 79 -8.85 44.03 -0.24
N GLU D 80 -9.78 44.96 -0.07
CA GLU D 80 -11.19 44.57 -0.11
C GLU D 80 -11.54 43.98 -1.48
N HIS D 81 -11.08 44.63 -2.55
CA HIS D 81 -11.37 44.09 -3.88
C HIS D 81 -10.80 42.68 -4.03
N ILE D 82 -9.57 42.48 -3.57
CA ILE D 82 -8.95 41.16 -3.67
C ILE D 82 -9.76 40.13 -2.91
N PHE D 83 -10.00 40.40 -1.62
CA PHE D 83 -10.63 39.41 -0.77
C PHE D 83 -12.05 39.12 -1.20
N GLU D 84 -12.73 40.10 -1.79
CA GLU D 84 -14.08 39.81 -2.29
C GLU D 84 -14.01 39.02 -3.59
N ARG D 85 -13.03 39.31 -4.46
CA ARG D 85 -12.97 38.62 -5.73
C ARG D 85 -12.42 37.21 -5.61
N LEU D 86 -11.72 36.89 -4.52
CA LEU D 86 -11.04 35.60 -4.40
C LEU D 86 -11.91 34.38 -4.69
N PRO D 87 -13.11 34.22 -4.11
CA PRO D 87 -13.80 32.92 -4.21
C PRO D 87 -14.18 32.53 -5.61
N PHE D 88 -14.76 33.45 -6.40
CA PHE D 88 -15.14 33.12 -7.76
C PHE D 88 -13.93 32.61 -8.54
N THR D 89 -12.79 33.26 -8.34
CA THR D 89 -11.55 32.80 -8.96
C THR D 89 -11.15 31.41 -8.48
N ILE D 90 -11.11 31.21 -7.17
CA ILE D 90 -10.66 29.93 -6.64
C ILE D 90 -11.53 28.80 -7.15
N ILE D 91 -12.83 29.04 -7.23
CA ILE D 91 -13.73 28.00 -7.72
C ILE D 91 -13.53 27.80 -9.20
N ASN D 92 -13.24 28.86 -9.95
CA ASN D 92 -12.86 28.69 -11.35
C ASN D 92 -11.66 27.75 -11.47
N THR D 93 -10.66 27.96 -10.62
CA THR D 93 -9.48 27.10 -10.63
C THR D 93 -9.83 25.66 -10.31
N LEU D 94 -10.61 25.44 -9.26
CA LEU D 94 -11.00 24.07 -8.93
C LEU D 94 -11.79 23.44 -10.06
N PHE D 95 -12.57 24.23 -10.77
CA PHE D 95 -13.26 23.73 -11.96
C PHE D 95 -12.23 23.29 -12.99
N MET D 96 -11.17 24.09 -13.16
CA MET D 96 -10.15 23.77 -14.14
C MET D 96 -9.42 22.48 -13.82
N SER D 97 -9.08 22.26 -12.55
CA SER D 97 -8.28 21.08 -12.21
C SER D 97 -9.10 19.81 -12.40
N SER D 98 -10.33 19.79 -11.91
CA SER D 98 -11.12 18.57 -11.87
C SER D 98 -11.46 18.05 -13.26
N LEU D 99 -11.41 18.90 -14.28
CA LEU D 99 -11.81 18.46 -15.62
C LEU D 99 -10.88 17.37 -16.14
N PHE D 100 -9.73 17.19 -15.50
CA PHE D 100 -8.87 16.05 -15.72
C PHE D 100 -8.66 15.35 -14.39
N HIS D 101 -8.67 14.03 -14.40
CA HIS D 101 -8.61 13.26 -13.18
C HIS D 101 -7.15 12.93 -12.87
N GLU D 102 -6.93 11.96 -11.97
CA GLU D 102 -5.61 11.64 -11.43
C GLU D 102 -4.51 11.65 -12.49
N ARG D 103 -4.82 11.21 -13.71
CA ARG D 103 -3.82 11.11 -14.75
C ARG D 103 -3.01 12.40 -14.88
N TYR D 104 -3.67 13.49 -15.20
CA TYR D 104 -3.04 14.81 -15.22
C TYR D 104 -3.29 15.54 -13.91
N PHE D 105 -2.95 14.90 -12.79
CA PHE D 105 -3.37 15.40 -11.49
C PHE D 105 -2.48 16.54 -11.01
N PHE D 106 -1.17 16.38 -11.07
CA PHE D 106 -0.27 17.34 -10.43
C PHE D 106 0.07 18.53 -11.31
N THR D 107 0.54 18.29 -12.54
CA THR D 107 1.05 19.38 -13.36
C THR D 107 0.03 20.52 -13.47
N VAL D 108 -1.23 20.21 -13.76
CA VAL D 108 -2.24 21.24 -13.93
C VAL D 108 -2.25 22.16 -12.71
N ALA D 109 -2.19 21.56 -11.52
CA ALA D 109 -2.15 22.34 -10.29
C ALA D 109 -1.11 23.44 -10.40
N PHE D 110 0.14 23.07 -10.66
CA PHE D 110 1.18 24.09 -10.81
C PHE D 110 0.69 25.20 -11.71
N PHE D 111 0.32 24.85 -12.94
CA PHE D 111 -0.22 25.85 -13.86
C PHE D 111 -1.29 26.68 -13.20
N GLY D 112 -2.37 26.04 -12.74
CA GLY D 112 -3.41 26.78 -12.06
C GLY D 112 -2.83 27.69 -11.00
N LEU D 113 -2.01 27.14 -10.11
CA LEU D 113 -1.48 27.94 -9.02
C LEU D 113 -0.83 29.20 -9.54
N LEU D 114 0.05 29.08 -10.52
CA LEU D 114 0.70 30.28 -11.03
C LEU D 114 -0.34 31.26 -11.50
N LEU D 115 -1.24 30.80 -12.37
CA LEU D 115 -2.36 31.62 -12.83
C LEU D 115 -2.93 32.43 -11.68
N LEU D 116 -3.26 31.76 -10.58
CA LEU D 116 -3.89 32.44 -9.45
C LEU D 116 -3.05 33.64 -9.04
N TYR D 117 -1.80 33.39 -8.65
CA TYR D 117 -0.95 34.49 -8.22
C TYR D 117 -0.93 35.59 -9.25
N LEU D 118 -0.78 35.22 -10.53
CA LEU D 118 -0.74 36.23 -11.57
C LEU D 118 -1.95 37.14 -11.49
N LYS D 119 -3.14 36.54 -11.44
CA LYS D 119 -4.35 37.35 -11.38
C LYS D 119 -4.24 38.39 -10.28
N VAL D 120 -3.82 37.97 -9.09
CA VAL D 120 -3.69 38.90 -7.97
C VAL D 120 -2.93 40.13 -8.41
N PHE D 121 -1.70 39.93 -8.91
CA PHE D 121 -0.90 41.05 -9.36
C PHE D 121 -1.71 41.97 -10.24
N HIS D 122 -2.27 41.42 -11.32
CA HIS D 122 -3.04 42.23 -12.25
C HIS D 122 -3.99 43.15 -11.51
N TRP D 123 -4.82 42.57 -10.63
CA TRP D 123 -5.83 43.36 -9.93
C TRP D 123 -5.19 44.55 -9.24
N ILE D 124 -4.18 44.30 -8.40
CA ILE D 124 -3.55 45.40 -7.70
C ILE D 124 -3.11 46.46 -8.69
N LEU D 125 -2.40 46.05 -9.74
CA LEU D 125 -1.91 47.01 -10.72
C LEU D 125 -3.03 47.92 -11.18
N LYS D 126 -4.18 47.34 -11.51
CA LYS D 126 -5.29 48.14 -11.99
C LYS D 126 -5.59 49.27 -11.03
N ASP D 127 -5.85 48.94 -9.77
CA ASP D 127 -6.16 50.02 -8.84
C ASP D 127 -4.96 50.94 -8.69
N ARG D 128 -3.76 50.36 -8.66
CA ARG D 128 -2.55 51.19 -8.60
C ARG D 128 -2.53 52.16 -9.75
N LEU D 129 -2.90 51.70 -10.94
CA LEU D 129 -3.08 52.60 -12.08
C LEU D 129 -4.01 53.73 -11.72
N GLU D 130 -5.23 53.38 -11.27
CA GLU D 130 -6.17 54.39 -10.82
C GLU D 130 -5.52 55.33 -9.80
N ALA D 131 -4.68 54.79 -8.92
CA ALA D 131 -3.98 55.64 -7.96
C ALA D 131 -3.12 56.67 -8.67
N LEU D 132 -2.28 56.22 -9.60
CA LEU D 132 -1.50 57.14 -10.41
C LEU D 132 -2.43 58.07 -11.15
N LEU D 133 -3.60 57.56 -11.55
CA LEU D 133 -4.60 58.43 -12.15
C LEU D 133 -5.06 59.49 -11.17
N GLN D 134 -5.36 59.08 -9.93
CA GLN D 134 -5.93 59.99 -8.97
C GLN D 134 -4.87 60.97 -8.40
N SER D 135 -3.77 60.42 -7.89
CA SER D 135 -2.75 61.20 -7.28
C SER D 135 -1.80 61.83 -8.32
N ILE D 136 -2.12 61.74 -9.61
CA ILE D 136 -1.27 62.34 -10.63
C ILE D 136 -0.93 63.78 -10.26
N ASN D 137 0.34 64.13 -10.40
CA ASN D 137 0.82 65.45 -10.03
C ASN D 137 1.47 66.10 -11.25
N ASP D 138 0.93 67.24 -11.66
CA ASP D 138 1.49 68.00 -12.76
C ASP D 138 2.68 68.85 -12.32
N SER D 139 3.18 68.68 -11.09
CA SER D 139 4.41 69.35 -10.70
C SER D 139 5.55 68.99 -11.63
N THR D 140 5.61 67.74 -12.05
CA THR D 140 6.47 67.29 -13.14
C THR D 140 5.61 66.57 -14.17
N THR D 141 6.10 66.52 -15.41
CA THR D 141 5.44 65.69 -16.40
C THR D 141 5.69 64.22 -16.05
N MET D 142 5.09 63.33 -16.85
CA MET D 142 5.27 61.90 -16.63
C MET D 142 6.63 61.59 -17.24
N LYS D 143 7.66 61.83 -16.43
CA LYS D 143 9.05 61.69 -16.89
C LYS D 143 9.31 60.25 -17.31
N THR D 144 10.28 60.08 -18.21
CA THR D 144 10.59 58.77 -18.75
C THR D 144 10.87 57.74 -17.65
N LEU D 145 11.33 58.17 -16.48
CA LEU D 145 11.55 57.23 -15.40
C LEU D 145 10.30 56.87 -14.63
N ILE D 146 9.39 57.82 -14.42
CA ILE D 146 8.10 57.49 -13.81
C ILE D 146 7.32 56.53 -14.69
N PHE D 147 7.10 56.94 -15.94
CA PHE D 147 6.53 56.07 -16.94
C PHE D 147 7.30 54.77 -17.03
N SER D 148 8.62 54.83 -16.84
CA SER D 148 9.43 53.63 -16.97
C SER D 148 9.18 52.65 -15.83
N ARG D 149 8.90 53.15 -14.62
CA ARG D 149 8.64 52.25 -13.50
C ARG D 149 7.25 51.64 -13.61
N PHE D 150 6.27 52.47 -13.96
CA PHE D 150 4.95 51.88 -14.17
C PHE D 150 5.00 50.82 -15.26
N SER D 151 5.56 51.19 -16.42
CA SER D 151 5.78 50.21 -17.46
C SER D 151 6.76 49.13 -17.03
N PHE D 152 7.53 49.34 -15.97
CA PHE D 152 8.41 48.29 -15.49
C PHE D 152 7.59 47.15 -14.94
N ASN D 153 6.69 47.47 -14.01
CA ASN D 153 5.72 46.45 -13.58
C ASN D 153 4.99 45.88 -14.79
N LEU D 154 4.56 46.77 -15.69
CA LEU D 154 3.78 46.33 -16.85
C LEU D 154 4.54 45.29 -17.67
N VAL D 155 5.73 45.64 -18.14
CA VAL D 155 6.47 44.79 -19.05
C VAL D 155 6.98 43.57 -18.31
N LEU D 156 7.17 43.68 -16.99
CA LEU D 156 7.48 42.48 -16.22
C LEU D 156 6.38 41.45 -16.44
N LEU D 157 5.14 41.84 -16.13
CA LEU D 157 4.05 40.90 -16.30
C LEU D 157 3.88 40.50 -17.76
N ALA D 158 4.13 41.45 -18.67
CA ALA D 158 3.93 41.20 -20.09
C ALA D 158 4.89 40.12 -20.59
N VAL D 159 6.17 40.26 -20.27
CA VAL D 159 7.14 39.25 -20.71
C VAL D 159 6.86 37.94 -20.01
N VAL D 160 6.40 37.98 -18.75
CA VAL D 160 6.03 36.76 -18.05
C VAL D 160 5.02 35.96 -18.88
N ASP D 161 3.88 36.60 -19.15
CA ASP D 161 2.83 35.89 -19.88
C ASP D 161 3.30 35.51 -21.29
N TYR D 162 4.02 36.39 -21.97
CA TYR D 162 4.43 36.11 -23.34
C TYR D 162 5.31 34.87 -23.40
N GLN D 163 6.37 34.85 -22.58
CA GLN D 163 7.21 33.68 -22.50
C GLN D 163 6.40 32.43 -22.19
N ILE D 164 5.45 32.53 -21.25
CA ILE D 164 4.70 31.34 -20.85
C ILE D 164 3.85 30.83 -22.02
N ILE D 165 3.11 31.74 -22.66
CA ILE D 165 2.26 31.35 -23.78
C ILE D 165 3.08 30.69 -24.87
N THR D 166 4.18 31.33 -25.29
CA THR D 166 4.96 30.78 -26.38
C THR D 166 5.57 29.44 -26.02
N ARG D 167 6.05 29.30 -24.78
CA ARG D 167 6.60 28.01 -24.37
C ARG D 167 5.52 26.93 -24.41
N CYS D 168 4.31 27.27 -23.99
CA CYS D 168 3.24 26.28 -24.05
C CYS D 168 2.90 25.92 -25.50
N ILE D 169 2.87 26.90 -26.40
CA ILE D 169 2.61 26.60 -27.81
C ILE D 169 3.68 25.66 -28.36
N SER D 170 4.94 25.94 -28.01
CA SER D 170 6.02 25.07 -28.46
C SER D 170 5.84 23.66 -27.91
N SER D 171 5.44 23.54 -26.65
CA SER D 171 5.23 22.21 -26.07
C SER D 171 4.07 21.51 -26.74
N ILE D 172 3.08 22.27 -27.22
CA ILE D 172 2.02 21.67 -28.04
C ILE D 172 2.61 21.08 -29.30
N TYR D 173 3.27 21.92 -30.10
CA TYR D 173 3.75 21.48 -31.40
C TYR D 173 4.71 20.31 -31.26
N THR D 174 5.52 20.32 -30.22
CA THR D 174 6.44 19.21 -29.98
C THR D 174 5.68 17.93 -29.60
N ASN D 175 4.74 18.04 -28.66
CA ASN D 175 4.13 16.85 -28.05
C ASN D 175 2.85 16.48 -28.80
N GLN D 176 3.03 16.01 -30.04
CA GLN D 176 1.95 15.41 -30.81
C GLN D 176 1.88 13.91 -30.52
N LYS D 177 1.83 13.59 -29.23
CA LYS D 177 1.82 12.22 -28.77
C LYS D 177 0.39 11.77 -28.48
N SER D 178 0.27 10.49 -28.08
CA SER D 178 -1.03 9.86 -27.94
C SER D 178 -1.92 10.55 -26.91
N ASP D 179 -1.36 11.42 -26.08
CA ASP D 179 -2.09 12.03 -24.96
C ASP D 179 -2.64 13.41 -25.34
N ILE D 180 -3.68 13.39 -26.20
CA ILE D 180 -4.26 14.62 -26.73
C ILE D 180 -4.89 15.45 -25.61
N GLU D 181 -5.28 14.81 -24.51
CA GLU D 181 -5.82 15.55 -23.38
C GLU D 181 -4.80 16.57 -22.87
N SER D 182 -3.51 16.22 -22.90
CA SER D 182 -2.49 17.21 -22.58
C SER D 182 -2.48 18.35 -23.58
N THR D 183 -2.77 18.06 -24.85
CA THR D 183 -2.91 19.13 -25.83
C THR D 183 -4.01 20.10 -25.42
N SER D 184 -5.18 19.57 -25.09
CA SER D 184 -6.28 20.45 -24.70
C SER D 184 -5.96 21.21 -23.41
N LEU D 185 -5.26 20.56 -22.48
CA LEU D 185 -4.80 21.24 -21.27
C LEU D 185 -3.95 22.46 -21.61
N TYR D 186 -2.96 22.27 -22.48
CA TYR D 186 -2.11 23.37 -22.87
C TYR D 186 -2.95 24.47 -23.55
N LEU D 187 -3.93 24.08 -24.35
CA LEU D 187 -4.81 25.09 -24.93
C LEU D 187 -5.57 25.86 -23.86
N ILE D 188 -5.99 25.20 -22.78
CA ILE D 188 -6.76 25.89 -21.74
C ILE D 188 -5.88 26.89 -21.02
N GLN D 189 -4.69 26.46 -20.61
CA GLN D 189 -3.78 27.39 -19.96
C GLN D 189 -3.44 28.54 -20.89
N VAL D 190 -3.36 28.25 -22.19
CA VAL D 190 -3.19 29.29 -23.19
C VAL D 190 -4.33 30.29 -23.11
N MET D 191 -5.57 29.79 -23.07
CA MET D 191 -6.72 30.68 -23.02
C MET D 191 -6.68 31.56 -21.78
N GLU D 192 -6.33 30.98 -20.64
CA GLU D 192 -6.31 31.75 -19.41
C GLU D 192 -5.25 32.84 -19.48
N PHE D 193 -4.00 32.46 -19.69
CA PHE D 193 -2.96 33.46 -19.77
C PHE D 193 -3.20 34.41 -20.94
N THR D 194 -4.02 34.02 -21.92
CA THR D 194 -4.34 34.94 -23.02
C THR D 194 -5.28 36.01 -22.51
N MET D 195 -6.32 35.60 -21.77
CA MET D 195 -7.21 36.58 -21.18
C MET D 195 -6.38 37.55 -20.36
N LEU D 196 -5.38 37.01 -19.67
CA LEU D 196 -4.51 37.88 -18.88
C LEU D 196 -3.76 38.86 -19.75
N LEU D 197 -3.14 38.37 -20.82
CA LEU D 197 -2.43 39.26 -21.72
C LEU D 197 -3.35 40.32 -22.28
N ILE D 198 -4.59 39.95 -22.61
CA ILE D 198 -5.53 40.93 -23.14
C ILE D 198 -5.85 41.99 -22.09
N ASP D 199 -5.99 41.58 -20.84
CA ASP D 199 -6.14 42.55 -19.77
C ASP D 199 -4.96 43.51 -19.74
N LEU D 200 -3.75 42.96 -19.92
CA LEU D 200 -2.58 43.82 -19.96
C LEU D 200 -2.65 44.81 -21.10
N LEU D 201 -3.07 44.35 -22.28
CA LEU D 201 -3.19 45.27 -23.40
C LEU D 201 -4.21 46.36 -23.10
N ASN D 202 -5.32 45.98 -22.46
CA ASN D 202 -6.31 46.97 -22.06
C ASN D 202 -5.68 48.05 -21.20
N LEU D 203 -4.98 47.62 -20.16
CA LEU D 203 -4.31 48.59 -19.30
C LEU D 203 -3.31 49.43 -20.08
N PHE D 204 -2.58 48.78 -21.00
CA PHE D 204 -1.58 49.45 -21.80
C PHE D 204 -2.19 50.57 -22.61
N LEU D 205 -3.31 50.28 -23.26
CA LEU D 205 -3.97 51.29 -24.07
C LEU D 205 -4.53 52.40 -23.21
N GLN D 206 -5.10 52.08 -22.05
CA GLN D 206 -5.61 53.14 -21.19
C GLN D 206 -4.51 54.08 -20.75
N THR D 207 -3.38 53.53 -20.30
CA THR D 207 -2.31 54.39 -19.83
C THR D 207 -1.65 55.16 -20.98
N CYS D 208 -1.48 54.54 -22.14
CA CYS D 208 -0.91 55.26 -23.27
C CYS D 208 -1.85 56.35 -23.75
N LEU D 209 -3.16 56.14 -23.62
CA LEU D 209 -4.12 57.17 -23.96
C LEU D 209 -3.99 58.36 -23.03
N ASN D 210 -3.99 58.10 -21.73
CA ASN D 210 -3.75 59.19 -20.79
C ASN D 210 -2.40 59.85 -21.03
N PHE D 211 -1.41 59.08 -21.48
CA PHE D 211 -0.10 59.63 -21.81
C PHE D 211 -0.19 60.62 -22.96
N TRP D 212 -0.82 60.23 -24.07
CA TRP D 212 -0.99 61.12 -25.21
C TRP D 212 -1.80 62.35 -24.83
N GLU D 213 -2.86 62.15 -24.03
CA GLU D 213 -3.65 63.27 -23.54
C GLU D 213 -2.77 64.30 -22.84
N PHE D 214 -2.07 63.86 -21.80
CA PHE D 214 -1.32 64.82 -21.00
C PHE D 214 -0.14 65.38 -21.79
N TYR D 215 0.42 64.59 -22.71
CA TYR D 215 1.49 65.06 -23.57
C TYR D 215 1.03 66.26 -24.39
N ARG D 216 -0.09 66.11 -25.09
CA ARG D 216 -0.59 67.22 -25.89
C ARG D 216 -1.08 68.36 -25.00
N SER D 217 -1.55 68.05 -23.79
CA SER D 217 -1.95 69.11 -22.87
C SER D 217 -0.76 69.97 -22.48
N GLN D 218 0.42 69.36 -22.34
CA GLN D 218 1.60 70.12 -21.92
C GLN D 218 2.27 70.81 -23.10
N GLN D 219 2.24 70.17 -24.28
CA GLN D 219 2.79 70.82 -25.48
C GLN D 219 1.79 71.79 -26.09
N SER D 220 0.66 71.29 -26.55
CA SER D 220 -0.38 72.14 -27.10
C SER D 220 -1.16 72.77 -25.96
N GLU D 265 -11.88 65.22 -28.63
CA GLU D 265 -13.27 64.98 -28.28
C GLU D 265 -13.40 64.65 -26.81
N GLY D 266 -14.37 63.79 -26.48
CA GLY D 266 -14.55 63.32 -25.13
C GLY D 266 -13.91 61.96 -24.97
N LYS D 267 -12.91 61.89 -24.10
CA LYS D 267 -12.07 60.70 -23.98
C LYS D 267 -12.91 59.45 -23.75
N PHE D 268 -14.06 59.60 -23.08
CA PHE D 268 -14.91 58.45 -22.77
C PHE D 268 -15.17 57.60 -24.01
N MET D 269 -15.38 58.27 -25.16
CA MET D 269 -15.64 57.55 -26.39
C MET D 269 -14.53 56.55 -26.67
N TYR D 270 -13.29 57.01 -26.71
CA TYR D 270 -12.18 56.11 -27.01
C TYR D 270 -11.98 55.09 -25.90
N GLU D 271 -12.20 55.48 -24.64
CA GLU D 271 -12.13 54.52 -23.54
C GLU D 271 -13.00 53.32 -23.81
N LYS D 272 -14.29 53.57 -24.05
CA LYS D 272 -15.23 52.47 -24.20
C LYS D 272 -15.01 51.74 -25.53
N ALA D 273 -14.56 52.46 -26.56
CA ALA D 273 -14.23 51.79 -27.82
C ALA D 273 -13.13 50.79 -27.60
N ILE D 274 -12.09 51.17 -26.87
CA ILE D 274 -11.02 50.22 -26.54
C ILE D 274 -11.55 49.08 -25.71
N ASP D 275 -12.45 49.38 -24.77
CA ASP D 275 -13.06 48.30 -23.99
C ASP D 275 -13.69 47.26 -24.91
N VAL D 276 -14.48 47.72 -25.86
CA VAL D 276 -15.18 46.80 -26.75
C VAL D 276 -14.20 46.10 -27.67
N PHE D 277 -13.13 46.79 -28.04
CA PHE D 277 -12.10 46.14 -28.84
C PHE D 277 -11.49 44.95 -28.09
N THR D 278 -11.05 45.20 -26.86
CA THR D 278 -10.50 44.13 -26.04
C THR D 278 -11.49 42.98 -25.89
N ARG D 279 -12.75 43.30 -25.61
CA ARG D 279 -13.70 42.23 -25.36
C ARG D 279 -14.05 41.47 -26.63
N PHE D 280 -14.05 42.16 -27.78
CA PHE D 280 -14.21 41.46 -29.04
C PHE D 280 -13.05 40.50 -29.25
N LEU D 281 -11.82 40.94 -28.96
CA LEU D 281 -10.69 40.03 -29.03
C LEU D 281 -10.89 38.85 -28.09
N LYS D 282 -11.36 39.13 -26.87
CA LYS D 282 -11.63 38.07 -25.91
C LYS D 282 -12.54 37.02 -26.52
N THR D 283 -13.73 37.44 -26.93
CA THR D 283 -14.71 36.52 -27.48
C THR D 283 -14.19 35.80 -28.70
N ALA D 284 -13.52 36.51 -29.60
CA ALA D 284 -13.03 35.92 -30.83
C ALA D 284 -12.05 34.79 -30.53
N LEU D 285 -11.08 35.06 -29.66
CA LEU D 285 -10.13 34.02 -29.29
C LEU D 285 -10.82 32.90 -28.50
N HIS D 286 -11.81 33.24 -27.68
CA HIS D 286 -12.58 32.23 -26.98
C HIS D 286 -13.18 31.24 -27.96
N LEU D 287 -13.89 31.75 -28.96
CA LEU D 287 -14.45 30.91 -30.01
C LEU D 287 -13.33 30.10 -30.66
N SER D 288 -12.39 30.81 -31.29
CA SER D 288 -11.40 30.14 -32.13
C SER D 288 -10.62 29.06 -31.40
N MET D 289 -10.47 29.16 -30.09
CA MET D 289 -9.67 28.19 -29.36
C MET D 289 -10.51 27.14 -28.64
N LEU D 290 -11.72 27.47 -28.20
CA LEU D 290 -12.51 26.51 -27.46
C LEU D 290 -13.42 25.68 -28.35
N ILE D 291 -13.88 26.24 -29.47
CA ILE D 291 -14.64 25.48 -30.47
C ILE D 291 -13.86 24.24 -30.90
N PRO D 292 -12.53 24.32 -31.12
CA PRO D 292 -11.78 23.08 -31.35
C PRO D 292 -12.01 22.03 -30.28
N PHE D 293 -12.07 22.46 -29.01
CA PHE D 293 -12.32 21.50 -27.95
C PHE D 293 -13.76 21.02 -27.95
N ARG D 294 -14.67 21.81 -28.54
CA ARG D 294 -16.10 21.55 -28.47
C ARG D 294 -16.53 21.36 -27.01
N MET D 295 -15.95 22.15 -26.12
CA MET D 295 -16.17 21.96 -24.69
C MET D 295 -17.65 22.09 -24.37
N PRO D 296 -18.23 21.14 -23.63
CA PRO D 296 -19.66 21.25 -23.30
C PRO D 296 -20.00 22.37 -22.34
N MET D 297 -19.10 22.67 -21.39
CA MET D 297 -19.41 23.63 -20.34
C MET D 297 -18.59 24.90 -20.44
N MET D 298 -17.27 24.81 -20.37
CA MET D 298 -16.45 26.01 -20.27
C MET D 298 -16.59 26.87 -21.52
N LEU D 299 -16.52 26.26 -22.69
CA LEU D 299 -16.91 26.93 -23.92
C LEU D 299 -18.19 27.74 -23.72
N LEU D 300 -19.24 27.08 -23.25
CA LEU D 300 -20.54 27.72 -23.17
C LEU D 300 -20.56 28.82 -22.12
N LYS D 301 -20.07 28.53 -20.92
CA LYS D 301 -20.12 29.54 -19.86
C LYS D 301 -19.32 30.78 -20.24
N ASP D 302 -18.10 30.55 -20.71
CA ASP D 302 -17.27 31.64 -21.21
C ASP D 302 -18.05 32.47 -22.21
N VAL D 303 -18.57 31.85 -23.27
CA VAL D 303 -19.19 32.65 -24.31
C VAL D 303 -20.49 33.29 -23.81
N VAL D 304 -21.10 32.74 -22.76
CA VAL D 304 -22.29 33.36 -22.19
C VAL D 304 -21.92 34.66 -21.51
N TRP D 305 -20.95 34.61 -20.60
CA TRP D 305 -20.52 35.84 -19.97
C TRP D 305 -19.95 36.81 -21.01
N ASP D 306 -19.43 36.24 -22.11
CA ASP D 306 -18.97 37.05 -23.22
C ASP D 306 -20.12 37.82 -23.86
N ILE D 307 -21.20 37.13 -24.23
CA ILE D 307 -22.30 37.81 -24.89
C ILE D 307 -22.99 38.77 -23.95
N LEU D 308 -22.91 38.54 -22.64
CA LEU D 308 -23.38 39.58 -21.71
C LEU D 308 -22.48 40.81 -21.78
N ALA D 309 -21.16 40.60 -21.78
CA ALA D 309 -20.26 41.71 -22.01
C ALA D 309 -20.55 42.39 -23.35
N LEU D 310 -21.01 41.62 -24.34
CA LEU D 310 -21.36 42.19 -25.63
C LEU D 310 -22.64 43.00 -25.57
N TYR D 311 -23.58 42.61 -24.72
CA TYR D 311 -24.74 43.46 -24.47
C TYR D 311 -24.28 44.80 -23.90
N GLN D 312 -23.34 44.74 -22.95
CA GLN D 312 -22.71 45.97 -22.47
C GLN D 312 -22.01 46.71 -23.61
N SER D 313 -21.42 45.96 -24.53
CA SER D 313 -20.78 46.57 -25.70
C SER D 313 -21.81 47.30 -26.55
N GLY D 314 -23.01 46.74 -26.65
CA GLY D 314 -24.08 47.43 -27.34
C GLY D 314 -24.50 48.69 -26.63
N THR D 315 -24.52 48.66 -25.29
CA THR D 315 -24.73 49.88 -24.53
C THR D 315 -23.72 50.94 -24.94
N SER D 316 -22.44 50.56 -24.94
CA SER D 316 -21.40 51.50 -25.32
C SER D 316 -21.54 51.94 -26.78
N LEU D 317 -21.98 51.03 -27.65
CA LEU D 317 -22.11 51.34 -29.07
C LEU D 317 -23.20 52.39 -29.28
N TRP D 318 -24.31 52.26 -28.57
CA TRP D 318 -25.36 53.26 -28.69
C TRP D 318 -24.92 54.57 -28.04
N LYS D 319 -24.15 54.49 -26.96
CA LYS D 319 -23.54 55.70 -26.41
C LYS D 319 -22.71 56.42 -27.47
N ILE D 320 -21.87 55.68 -28.19
CA ILE D 320 -21.01 56.28 -29.20
C ILE D 320 -21.83 56.87 -30.33
N TRP D 321 -22.79 56.10 -30.84
CA TRP D 321 -23.64 56.60 -31.91
C TRP D 321 -24.40 57.85 -31.47
N ARG D 322 -24.71 57.96 -30.19
CA ARG D 322 -25.20 59.23 -29.66
C ARG D 322 -24.13 60.31 -29.74
N ASN D 323 -22.89 59.96 -29.42
CA ASN D 323 -21.81 60.94 -29.36
C ASN D 323 -20.97 60.98 -30.63
N ASN D 324 -21.31 60.18 -31.63
CA ASN D 324 -20.61 60.23 -32.92
C ASN D 324 -20.76 61.63 -33.51
#